data_1B09
#
_entry.id   1B09
#
_cell.length_a   193.940
_cell.length_b   193.940
_cell.length_c   134.430
_cell.angle_alpha   90.00
_cell.angle_beta   90.00
_cell.angle_gamma   90.00
#
_symmetry.space_group_name_H-M   'P 41 21 2'
#
loop_
_entity.id
_entity.type
_entity.pdbx_description
1 polymer 'PROTEIN (C-REACTIVE PROTEIN)'
2 non-polymer 'CALCIUM ION'
3 non-polymer PHOSPHOCHOLINE
#
_entity_poly.entity_id   1
_entity_poly.type   'polypeptide(L)'
_entity_poly.pdbx_seq_one_letter_code
;QTDMSRKAFVFPKESDTSYVSLKAPLTKPLKAFTVCLHFYTELSSTRGYSIFSYATKRQDNEILIFWSKDIGYSFTVGGS
EILFEVPEVTVAPVHICTSWESASGIVEFWVDGKPRVRKSLKKGYTVGAEASIILGQEQDSFGGNFEGSQSLVGDIGNVN
MWDFVLSPDEINTIYLGGPFSPNVLNWRALKYEVQGEVFTKPQLWP
;
_entity_poly.pdbx_strand_id   A,B,C,D,E
#
loop_
_chem_comp.id
_chem_comp.type
_chem_comp.name
_chem_comp.formula
CA non-polymer 'CALCIUM ION' 'Ca 2'
PC non-polymer PHOSPHOCHOLINE 'C5 H15 N O4 P 1'
#
# COMPACT_ATOMS: atom_id res chain seq x y z
N GLN A 1 -43.09 10.83 15.60
CA GLN A 1 -41.74 10.31 15.80
C GLN A 1 -41.56 8.92 15.22
N THR A 2 -40.26 8.54 15.12
CA THR A 2 -39.88 7.21 14.66
C THR A 2 -38.40 6.96 14.90
N ASP A 3 -38.05 5.81 15.48
CA ASP A 3 -36.66 5.48 15.49
C ASP A 3 -36.24 4.80 14.21
N MET A 4 -35.32 5.45 13.47
CA MET A 4 -34.90 4.89 12.19
C MET A 4 -33.51 4.29 12.22
N SER A 5 -33.05 3.96 13.44
CA SER A 5 -31.72 3.35 13.54
C SER A 5 -31.55 2.15 12.64
N ARG A 6 -30.35 2.04 12.04
CA ARG A 6 -30.01 0.88 11.21
C ARG A 6 -30.85 0.71 9.95
N LYS A 7 -31.82 1.64 9.75
CA LYS A 7 -32.53 1.62 8.47
C LYS A 7 -32.10 2.73 7.54
N ALA A 8 -32.58 2.66 6.29
CA ALA A 8 -32.25 3.70 5.32
C ALA A 8 -33.34 3.83 4.27
N PHE A 9 -33.41 5.02 3.67
CA PHE A 9 -34.31 5.17 2.51
C PHE A 9 -33.64 4.74 1.22
N VAL A 10 -34.35 3.97 0.39
CA VAL A 10 -33.73 3.61 -0.88
C VAL A 10 -34.55 4.00 -2.11
N PHE A 11 -33.89 4.79 -2.99
CA PHE A 11 -34.47 5.15 -4.29
C PHE A 11 -33.91 4.30 -5.42
N PRO A 12 -34.71 3.32 -5.89
CA PRO A 12 -34.19 2.24 -6.73
C PRO A 12 -33.84 2.72 -8.12
N LYS A 13 -34.74 3.54 -8.70
CA LYS A 13 -34.51 4.01 -10.06
C LYS A 13 -34.81 5.48 -10.25
N GLU A 14 -34.21 6.06 -11.31
CA GLU A 14 -34.45 7.47 -11.62
C GLU A 14 -35.91 7.79 -11.83
N SER A 15 -36.38 8.88 -11.21
CA SER A 15 -37.81 9.25 -11.36
C SER A 15 -38.07 10.73 -11.15
N ASP A 16 -39.31 11.14 -11.44
CA ASP A 16 -39.64 12.55 -11.28
C ASP A 16 -40.45 12.84 -10.03
N THR A 17 -41.00 11.78 -9.43
CA THR A 17 -41.93 11.98 -8.33
C THR A 17 -41.52 11.27 -7.08
N SER A 18 -40.28 10.90 -6.79
CA SER A 18 -40.08 10.34 -5.46
C SER A 18 -39.26 11.21 -4.56
N TYR A 19 -39.62 11.12 -3.28
CA TYR A 19 -38.94 11.91 -2.28
C TYR A 19 -39.57 11.72 -0.94
N VAL A 20 -38.75 11.85 0.09
CA VAL A 20 -39.35 11.99 1.39
C VAL A 20 -39.25 13.39 1.89
N SER A 21 -40.17 13.73 2.80
CA SER A 21 -40.20 15.06 3.35
C SER A 21 -39.99 15.08 4.83
N LEU A 22 -38.85 15.65 5.24
CA LEU A 22 -38.58 15.82 6.66
C LEU A 22 -39.31 17.01 7.25
N LYS A 23 -39.80 16.83 8.49
CA LYS A 23 -40.48 17.96 9.14
C LYS A 23 -39.71 18.47 10.35
N ALA A 24 -39.42 19.78 10.35
CA ALA A 24 -38.55 20.30 11.40
C ALA A 24 -39.27 21.25 12.35
N PRO A 25 -38.83 21.19 13.63
CA PRO A 25 -39.39 22.06 14.66
C PRO A 25 -38.62 23.36 14.75
N LEU A 26 -38.82 24.20 13.72
CA LEU A 26 -38.12 25.48 13.75
C LEU A 26 -38.99 26.64 14.20
N THR A 27 -38.38 27.51 15.02
CA THR A 27 -39.06 28.71 15.44
C THR A 27 -38.25 29.94 15.14
N LYS A 28 -37.07 30.00 15.77
CA LYS A 28 -36.12 31.01 15.41
C LYS A 28 -35.47 30.73 14.07
N PRO A 29 -34.95 31.78 13.45
CA PRO A 29 -34.13 31.62 12.24
C PRO A 29 -32.70 31.20 12.62
N LEU A 30 -32.07 30.42 11.70
CA LEU A 30 -30.71 29.88 12.00
C LEU A 30 -29.57 30.92 11.85
N LYS A 31 -28.78 31.09 12.97
CA LYS A 31 -27.54 31.88 12.87
C LYS A 31 -26.33 31.00 12.63
N ALA A 32 -26.60 29.70 12.48
CA ALA A 32 -25.56 28.66 12.23
C ALA A 32 -26.17 27.28 12.15
N PHE A 33 -25.34 26.31 11.73
CA PHE A 33 -25.79 24.93 11.85
C PHE A 33 -24.79 23.89 11.42
N THR A 34 -25.23 22.64 11.49
CA THR A 34 -24.39 21.51 11.11
C THR A 34 -25.19 20.33 10.62
N VAL A 35 -24.85 19.81 9.42
CA VAL A 35 -25.62 18.68 8.90
C VAL A 35 -24.76 17.48 8.56
N CYS A 36 -25.25 16.28 8.98
CA CYS A 36 -24.50 15.08 8.67
C CYS A 36 -25.37 14.01 8.09
N LEU A 37 -24.77 13.20 7.19
CA LEU A 37 -25.52 12.07 6.64
C LEU A 37 -24.67 11.03 5.95
N HIS A 38 -25.32 9.90 5.65
CA HIS A 38 -24.69 8.87 4.83
C HIS A 38 -25.35 8.78 3.45
N PHE A 39 -24.55 8.42 2.44
CA PHE A 39 -25.17 8.03 1.18
C PHE A 39 -24.30 7.21 0.28
N TYR A 40 -24.96 6.57 -0.70
CA TYR A 40 -24.32 5.52 -1.51
C TYR A 40 -24.91 5.37 -2.89
N THR A 41 -24.15 5.81 -3.92
CA THR A 41 -24.63 5.69 -5.28
C THR A 41 -23.50 5.65 -6.31
N GLU A 42 -23.85 5.23 -7.55
CA GLU A 42 -22.83 5.18 -8.60
C GLU A 42 -22.92 6.33 -9.58
N LEU A 43 -24.02 7.08 -9.47
CA LEU A 43 -24.27 8.16 -10.44
C LEU A 43 -23.06 9.03 -10.71
N SER A 44 -22.29 9.31 -9.64
CA SER A 44 -21.36 10.45 -9.66
C SER A 44 -20.43 10.51 -10.87
N SER A 45 -20.31 9.38 -11.59
CA SER A 45 -19.45 9.42 -12.79
C SER A 45 -20.23 9.60 -14.07
N THR A 46 -21.57 9.54 -13.94
CA THR A 46 -22.42 9.81 -15.08
C THR A 46 -22.93 11.23 -15.09
N ARG A 47 -23.66 11.57 -14.00
CA ARG A 47 -24.11 12.95 -13.84
C ARG A 47 -24.01 13.43 -12.41
N GLY A 48 -24.69 14.57 -12.13
CA GLY A 48 -24.71 15.08 -10.76
C GLY A 48 -26.04 14.82 -10.08
N TYR A 49 -26.12 15.16 -8.78
CA TYR A 49 -27.40 14.98 -8.10
C TYR A 49 -27.56 15.82 -6.84
N SER A 50 -28.83 15.98 -6.42
CA SER A 50 -29.13 16.67 -5.15
C SER A 50 -28.98 15.74 -3.95
N ILE A 51 -28.17 16.18 -2.96
CA ILE A 51 -27.94 15.33 -1.79
C ILE A 51 -28.82 15.72 -0.59
N PHE A 52 -29.01 17.05 -0.43
CA PHE A 52 -29.87 17.56 0.66
C PHE A 52 -30.40 18.94 0.34
N SER A 53 -31.76 19.06 0.22
CA SER A 53 -32.32 20.32 -0.33
C SER A 53 -33.23 21.07 0.63
N TYR A 54 -32.66 22.15 1.22
CA TYR A 54 -33.40 22.98 2.19
C TYR A 54 -33.86 24.29 1.57
N ALA A 55 -35.18 24.40 1.34
CA ALA A 55 -35.68 25.55 0.59
C ALA A 55 -36.66 26.40 1.36
N THR A 56 -36.78 27.67 0.91
CA THR A 56 -37.70 28.61 1.53
C THR A 56 -38.60 29.23 0.49
N LYS A 57 -39.58 30.04 0.94
CA LYS A 57 -40.48 30.63 -0.06
C LYS A 57 -39.82 31.70 -0.91
N ARG A 58 -38.88 32.43 -0.30
CA ARG A 58 -38.14 33.46 -1.03
C ARG A 58 -36.89 32.94 -1.74
N GLN A 59 -36.44 31.71 -1.37
CA GLN A 59 -35.12 31.26 -1.85
C GLN A 59 -35.01 29.73 -1.97
N ASP A 60 -35.03 29.24 -3.24
CA ASP A 60 -35.11 27.78 -3.46
C ASP A 60 -33.83 27.03 -3.13
N ASN A 61 -32.75 27.79 -2.91
CA ASN A 61 -31.53 27.18 -2.42
C ASN A 61 -31.07 27.77 -1.10
N GLU A 62 -32.00 27.84 -0.11
CA GLU A 62 -31.58 28.39 1.20
C GLU A 62 -30.37 27.67 1.76
N ILE A 63 -30.44 26.30 1.76
CA ILE A 63 -29.20 25.52 1.77
C ILE A 63 -29.30 24.27 0.95
N LEU A 64 -28.21 24.01 0.20
CA LEU A 64 -28.18 22.87 -0.71
C LEU A 64 -26.81 22.20 -0.71
N ILE A 65 -26.80 20.85 -0.58
CA ILE A 65 -25.57 20.12 -0.86
C ILE A 65 -25.70 19.24 -2.11
N PHE A 66 -24.74 19.44 -3.03
CA PHE A 66 -24.91 18.93 -4.39
C PHE A 66 -23.64 18.37 -4.96
N TRP A 67 -23.76 17.24 -5.67
CA TRP A 67 -22.61 16.75 -6.42
C TRP A 67 -22.68 17.12 -7.89
N SER A 68 -21.74 17.98 -8.31
CA SER A 68 -21.60 18.25 -9.75
C SER A 68 -20.52 17.41 -10.39
N LYS A 69 -20.95 16.61 -11.40
CA LYS A 69 -20.00 15.72 -12.07
C LYS A 69 -18.76 16.43 -12.56
N ASP A 70 -17.60 15.79 -12.30
CA ASP A 70 -16.36 16.31 -12.87
C ASP A 70 -15.76 17.46 -12.07
N ILE A 71 -16.53 17.99 -11.11
CA ILE A 71 -16.04 19.13 -10.34
C ILE A 71 -15.85 18.82 -8.87
N GLY A 72 -16.88 18.16 -8.28
CA GLY A 72 -16.78 17.81 -6.86
C GLY A 72 -18.00 18.20 -6.07
N TYR A 73 -17.80 18.45 -4.76
CA TYR A 73 -18.93 18.85 -3.93
C TYR A 73 -19.30 20.31 -4.11
N SER A 74 -20.62 20.57 -4.25
CA SER A 74 -21.08 21.96 -4.29
C SER A 74 -21.97 22.30 -3.11
N PHE A 75 -21.62 23.41 -2.41
CA PHE A 75 -22.31 23.78 -1.18
C PHE A 75 -22.81 25.21 -1.16
N THR A 76 -24.15 25.38 -1.16
CA THR A 76 -24.68 26.74 -1.20
C THR A 76 -25.65 27.06 -0.09
N VAL A 77 -25.41 28.23 0.57
CA VAL A 77 -26.39 28.74 1.53
C VAL A 77 -26.87 30.13 1.17
N GLY A 78 -28.20 30.28 1.05
CA GLY A 78 -28.74 31.59 0.71
C GLY A 78 -28.49 31.99 -0.73
N GLY A 79 -28.42 30.96 -1.62
CA GLY A 79 -28.29 31.26 -3.05
C GLY A 79 -26.86 31.29 -3.56
N SER A 80 -25.89 31.40 -2.62
CA SER A 80 -24.50 31.58 -3.05
C SER A 80 -23.64 30.34 -2.91
N GLU A 81 -22.85 30.04 -3.97
CA GLU A 81 -22.16 28.77 -4.03
C GLU A 81 -20.70 28.85 -3.65
N ILE A 82 -20.22 27.76 -3.01
CA ILE A 82 -18.79 27.52 -2.90
C ILE A 82 -18.47 26.05 -3.29
N LEU A 83 -17.22 25.79 -3.72
CA LEU A 83 -16.88 24.42 -4.13
C LEU A 83 -15.82 23.76 -3.26
N PHE A 84 -16.04 22.45 -2.98
CA PHE A 84 -14.88 21.65 -2.63
C PHE A 84 -14.51 20.66 -3.69
N GLU A 85 -13.34 20.90 -4.32
CA GLU A 85 -12.96 20.09 -5.46
C GLU A 85 -12.62 18.67 -5.12
N VAL A 86 -13.01 17.76 -6.02
CA VAL A 86 -12.61 16.37 -5.89
C VAL A 86 -12.25 15.75 -7.22
N PRO A 87 -10.98 15.33 -7.35
CA PRO A 87 -10.51 14.84 -8.65
C PRO A 87 -10.85 13.38 -8.86
N GLU A 88 -10.36 12.55 -7.93
CA GLU A 88 -10.64 11.13 -8.02
C GLU A 88 -11.92 10.72 -7.37
N VAL A 89 -12.75 9.88 -8.04
CA VAL A 89 -14.02 9.50 -7.44
C VAL A 89 -14.23 7.99 -7.41
N THR A 90 -14.21 7.44 -6.19
CA THR A 90 -14.45 6.01 -6.06
C THR A 90 -15.80 5.70 -5.48
N VAL A 91 -16.46 4.69 -6.06
CA VAL A 91 -17.76 4.37 -5.58
C VAL A 91 -17.73 3.50 -4.35
N ALA A 92 -18.12 4.14 -3.25
CA ALA A 92 -18.30 3.45 -1.98
C ALA A 92 -19.32 4.24 -1.20
N PRO A 93 -19.68 3.75 0.00
CA PRO A 93 -20.51 4.63 0.81
C PRO A 93 -19.68 5.81 1.28
N VAL A 94 -20.36 6.95 1.55
CA VAL A 94 -19.61 8.07 2.11
C VAL A 94 -20.35 8.86 3.18
N HIS A 95 -19.55 9.41 4.11
CA HIS A 95 -20.12 10.18 5.21
C HIS A 95 -19.70 11.64 5.17
N ILE A 96 -20.68 12.54 5.02
CA ILE A 96 -20.32 13.95 5.10
C ILE A 96 -20.91 14.65 6.30
N CYS A 97 -20.08 15.54 6.92
CA CYS A 97 -20.61 16.56 7.85
C CYS A 97 -20.19 17.97 7.42
N THR A 98 -21.16 18.93 7.43
CA THR A 98 -20.80 20.29 7.02
C THR A 98 -21.50 21.38 7.81
N SER A 99 -20.71 22.40 8.24
CA SER A 99 -21.28 23.42 9.15
C SER A 99 -20.95 24.85 8.77
N TRP A 100 -21.95 25.75 8.99
CA TRP A 100 -21.82 27.17 8.62
C TRP A 100 -22.02 28.11 9.82
N GLU A 101 -21.23 29.23 9.88
CA GLU A 101 -21.43 30.21 10.96
C GLU A 101 -21.57 31.63 10.49
N SER A 102 -22.66 32.30 10.95
CA SER A 102 -22.91 33.66 10.47
C SER A 102 -21.81 34.63 10.84
N ALA A 103 -21.44 34.63 12.13
CA ALA A 103 -20.56 35.70 12.66
C ALA A 103 -19.22 35.78 11.94
N SER A 104 -18.81 34.63 11.33
CA SER A 104 -17.50 34.60 10.65
C SER A 104 -17.58 34.15 9.19
N GLY A 105 -18.75 33.61 8.81
CA GLY A 105 -18.92 33.18 7.41
C GLY A 105 -18.20 31.89 7.09
N ILE A 106 -17.50 31.35 8.12
CA ILE A 106 -16.67 30.16 7.89
C ILE A 106 -17.49 28.91 7.64
N VAL A 107 -17.13 28.16 6.58
CA VAL A 107 -17.69 26.82 6.46
C VAL A 107 -16.65 25.73 6.54
N GLU A 108 -17.03 24.64 7.23
CA GLU A 108 -16.23 23.42 7.18
C GLU A 108 -16.92 22.28 6.44
N PHE A 109 -16.12 21.44 5.76
CA PHE A 109 -16.68 20.26 5.06
C PHE A 109 -15.90 18.98 5.37
N TRP A 110 -16.50 18.10 6.20
CA TRP A 110 -15.80 16.85 6.55
C TRP A 110 -16.26 15.66 5.70
N VAL A 111 -15.27 15.01 5.03
CA VAL A 111 -15.60 13.78 4.35
C VAL A 111 -14.97 12.54 5.01
N ASP A 112 -15.84 11.57 5.36
CA ASP A 112 -15.38 10.41 6.11
C ASP A 112 -14.45 10.76 7.27
N GLY A 113 -14.89 11.75 8.09
CA GLY A 113 -14.16 12.04 9.34
C GLY A 113 -12.87 12.82 9.13
N LYS A 114 -12.61 13.22 7.88
CA LYS A 114 -11.44 14.07 7.61
C LYS A 114 -11.84 15.44 7.04
N PRO A 115 -11.12 16.50 7.49
CA PRO A 115 -11.56 17.87 7.16
C PRO A 115 -10.87 18.45 5.93
N ARG A 116 -11.69 19.07 5.04
CA ARG A 116 -11.12 20.00 4.06
C ARG A 116 -10.79 21.35 4.71
N VAL A 117 -10.05 22.22 3.97
CA VAL A 117 -9.73 23.52 4.53
C VAL A 117 -10.96 24.39 4.71
N ARG A 118 -10.80 25.47 5.48
CA ARG A 118 -11.93 26.35 5.74
C ARG A 118 -12.09 27.44 4.71
N LYS A 119 -13.35 27.67 4.30
CA LYS A 119 -13.60 28.76 3.37
C LYS A 119 -14.67 29.73 3.88
N SER A 120 -14.92 30.82 3.12
CA SER A 120 -15.91 31.83 3.59
C SER A 120 -17.17 31.88 2.75
N LEU A 121 -18.32 32.11 3.45
CA LEU A 121 -19.61 32.22 2.72
C LEU A 121 -20.74 32.96 3.51
N LYS A 122 -21.46 33.87 2.78
CA LYS A 122 -22.60 34.64 3.39
C LYS A 122 -22.46 34.98 4.85
N LYS A 123 -21.33 35.63 5.17
CA LYS A 123 -21.16 36.17 6.51
C LYS A 123 -22.27 37.15 6.90
N GLY A 124 -22.91 36.90 8.07
CA GLY A 124 -23.93 37.86 8.54
C GLY A 124 -25.33 37.52 8.08
N TYR A 125 -25.42 36.47 7.24
CA TYR A 125 -26.73 36.00 6.81
C TYR A 125 -27.55 35.43 7.95
N THR A 126 -28.80 35.08 7.63
CA THR A 126 -29.66 34.47 8.62
C THR A 126 -30.65 33.55 7.98
N VAL A 127 -30.49 32.25 8.24
CA VAL A 127 -31.33 31.29 7.54
C VAL A 127 -32.76 31.24 8.03
N GLY A 128 -33.71 31.15 7.06
CA GLY A 128 -35.13 31.20 7.38
C GLY A 128 -35.64 29.94 8.03
N ALA A 129 -36.55 30.12 8.99
CA ALA A 129 -36.96 28.99 9.83
C ALA A 129 -38.10 28.18 9.22
N GLU A 130 -38.93 28.85 8.40
CA GLU A 130 -40.01 28.09 7.78
C GLU A 130 -39.63 27.46 6.46
N ALA A 131 -38.88 26.35 6.59
CA ALA A 131 -38.30 25.70 5.42
C ALA A 131 -39.10 24.52 4.96
N SER A 132 -38.70 24.01 3.79
CA SER A 132 -39.18 22.71 3.34
C SER A 132 -38.01 21.82 2.97
N ILE A 133 -37.90 20.68 3.68
CA ILE A 133 -36.69 19.88 3.54
C ILE A 133 -36.91 18.59 2.75
N ILE A 134 -36.16 18.43 1.65
CA ILE A 134 -36.49 17.27 0.81
C ILE A 134 -35.27 16.39 0.49
N LEU A 135 -35.50 15.06 0.56
CA LEU A 135 -34.48 14.09 0.15
C LEU A 135 -34.87 13.37 -1.13
N GLY A 136 -33.96 13.34 -2.11
CA GLY A 136 -34.25 12.55 -3.32
C GLY A 136 -34.80 13.39 -4.46
N GLN A 137 -34.90 14.69 -4.22
CA GLN A 137 -35.23 15.60 -5.31
C GLN A 137 -34.70 16.98 -5.07
N GLU A 138 -34.47 17.73 -6.16
CA GLU A 138 -34.05 19.11 -5.98
C GLU A 138 -35.17 20.10 -6.11
N GLN A 139 -35.28 20.98 -5.10
CA GLN A 139 -36.36 21.94 -5.10
C GLN A 139 -36.05 23.17 -5.91
N ASP A 140 -37.00 23.55 -6.79
CA ASP A 140 -36.94 24.88 -7.39
C ASP A 140 -38.07 25.78 -6.91
N SER A 141 -38.98 25.16 -6.12
CA SER A 141 -39.97 25.94 -5.35
C SER A 141 -40.36 25.22 -4.07
N PHE A 142 -41.01 25.96 -3.17
CA PHE A 142 -41.37 25.36 -1.88
C PHE A 142 -42.00 23.99 -2.03
N GLY A 143 -41.19 22.95 -1.71
CA GLY A 143 -41.70 21.58 -1.78
C GLY A 143 -42.11 21.15 -3.16
N GLY A 144 -41.51 21.78 -4.21
CA GLY A 144 -41.97 21.47 -5.57
C GLY A 144 -41.01 21.83 -6.69
N ASN A 145 -41.45 21.51 -7.93
CA ASN A 145 -40.65 21.77 -9.13
C ASN A 145 -39.38 20.98 -9.16
N PHE A 146 -39.55 19.65 -9.30
CA PHE A 146 -38.40 18.76 -9.36
C PHE A 146 -37.89 18.54 -10.78
N GLU A 147 -36.59 18.54 -10.79
CA GLU A 147 -35.96 18.05 -11.99
C GLU A 147 -35.56 16.58 -11.86
N GLY A 148 -35.83 15.70 -12.92
CA GLY A 148 -35.46 14.30 -12.78
C GLY A 148 -33.97 14.06 -12.85
N SER A 149 -33.29 14.90 -13.66
CA SER A 149 -31.84 14.71 -13.85
C SER A 149 -31.00 15.23 -12.70
N GLN A 150 -31.69 15.81 -11.70
CA GLN A 150 -31.00 16.13 -10.45
C GLN A 150 -31.30 15.10 -9.39
N SER A 151 -32.13 14.11 -9.80
CA SER A 151 -32.47 12.95 -8.95
C SER A 151 -31.27 12.29 -8.30
N LEU A 152 -31.50 11.74 -7.09
CA LEU A 152 -30.55 10.81 -6.48
C LEU A 152 -31.05 9.36 -6.58
N VAL A 153 -30.16 8.47 -7.08
CA VAL A 153 -30.55 7.08 -7.22
C VAL A 153 -29.66 6.15 -6.42
N GLY A 154 -30.23 5.65 -5.30
CA GLY A 154 -29.45 4.82 -4.42
C GLY A 154 -29.90 4.94 -2.97
N ASP A 155 -28.91 4.90 -2.04
CA ASP A 155 -29.24 4.85 -0.61
C ASP A 155 -28.86 6.14 0.12
N ILE A 156 -29.82 6.67 0.93
CA ILE A 156 -29.44 7.74 1.87
C ILE A 156 -30.02 7.53 3.27
N GLY A 157 -29.21 7.90 4.31
CA GLY A 157 -29.65 7.68 5.68
C GLY A 157 -28.82 8.42 6.72
N ASN A 158 -29.22 8.26 8.00
CA ASN A 158 -28.43 8.83 9.10
C ASN A 158 -28.37 10.36 9.12
N VAL A 159 -29.37 11.03 8.53
CA VAL A 159 -29.28 12.49 8.51
C VAL A 159 -29.70 13.14 9.84
N ASN A 160 -28.78 14.01 10.35
CA ASN A 160 -28.99 14.68 11.65
C ASN A 160 -28.60 16.15 11.60
N MET A 161 -29.46 17.00 12.18
CA MET A 161 -29.16 18.44 12.09
C MET A 161 -29.15 19.14 13.45
N TRP A 162 -28.02 19.83 13.73
CA TRP A 162 -27.96 20.70 14.89
C TRP A 162 -28.30 22.15 14.52
N ASP A 163 -28.42 23.00 15.54
CA ASP A 163 -28.49 24.43 15.25
C ASP A 163 -27.28 25.20 15.78
N PHE A 164 -26.15 24.48 15.91
CA PHE A 164 -24.86 25.14 16.13
C PHE A 164 -23.73 24.45 15.41
N VAL A 165 -22.49 24.80 15.78
CA VAL A 165 -21.35 24.25 15.05
C VAL A 165 -20.57 23.20 15.84
N LEU A 166 -20.56 21.96 15.31
CA LEU A 166 -19.85 20.88 16.00
C LEU A 166 -18.33 21.03 15.96
N SER A 167 -17.72 20.80 17.14
CA SER A 167 -16.26 20.76 17.18
C SER A 167 -15.70 19.53 16.50
N PRO A 168 -14.38 19.52 16.32
CA PRO A 168 -13.74 18.37 15.76
C PRO A 168 -14.10 17.10 16.50
N ASP A 169 -14.08 17.20 17.83
CA ASP A 169 -14.32 16.03 18.67
C ASP A 169 -15.70 15.46 18.45
N GLU A 170 -16.66 16.35 18.19
CA GLU A 170 -18.02 15.92 18.05
C GLU A 170 -18.36 15.33 16.69
N ILE A 171 -17.69 15.82 15.63
CA ILE A 171 -17.79 15.12 14.36
C ILE A 171 -17.19 13.73 14.45
N ASN A 172 -16.08 13.62 15.21
CA ASN A 172 -15.40 12.35 15.27
C ASN A 172 -16.27 11.25 15.82
N THR A 173 -16.94 11.53 16.97
CA THR A 173 -17.77 10.49 17.54
C THR A 173 -18.93 10.14 16.65
N ILE A 174 -19.64 11.18 16.16
CA ILE A 174 -20.75 10.90 15.25
C ILE A 174 -20.32 10.06 14.02
N TYR A 175 -19.15 10.41 13.45
CA TYR A 175 -18.56 9.53 12.43
C TYR A 175 -18.37 8.12 12.97
N LEU A 176 -17.75 8.02 14.17
CA LEU A 176 -17.46 6.73 14.75
C LEU A 176 -18.71 6.00 15.25
N GLY A 177 -19.85 6.73 15.26
CA GLY A 177 -21.11 6.09 15.61
C GLY A 177 -21.58 6.41 17.00
N GLY A 178 -20.68 7.03 17.78
CA GLY A 178 -21.04 7.42 19.14
C GLY A 178 -22.33 8.22 19.19
N PRO A 179 -22.83 8.48 20.43
CA PRO A 179 -24.05 9.25 20.55
C PRO A 179 -23.76 10.72 20.80
N PHE A 180 -24.53 11.54 20.07
CA PHE A 180 -24.57 12.99 20.30
C PHE A 180 -25.89 13.53 19.80
N SER A 181 -26.58 14.30 20.64
CA SER A 181 -27.98 14.54 20.34
C SER A 181 -28.24 15.76 19.49
N PRO A 182 -28.81 15.49 18.29
CA PRO A 182 -29.24 16.59 17.44
C PRO A 182 -30.41 17.34 18.07
N ASN A 183 -30.60 18.58 17.61
CA ASN A 183 -31.72 19.35 18.15
C ASN A 183 -32.59 20.00 17.11
N VAL A 184 -32.23 19.79 15.82
CA VAL A 184 -33.15 20.20 14.77
C VAL A 184 -33.69 19.00 13.99
N LEU A 185 -32.77 18.16 13.47
CA LEU A 185 -33.18 16.85 12.92
C LEU A 185 -32.60 15.68 13.70
N ASN A 186 -33.43 14.64 13.92
CA ASN A 186 -32.95 13.48 14.67
C ASN A 186 -33.38 12.17 14.05
N TRP A 187 -32.39 11.42 13.49
CA TRP A 187 -32.71 10.14 12.87
C TRP A 187 -33.46 9.19 13.81
N ARG A 188 -33.05 9.17 15.11
CA ARG A 188 -33.71 8.27 16.07
C ARG A 188 -35.10 8.74 16.48
N ALA A 189 -35.54 9.87 15.91
CA ALA A 189 -36.87 10.40 16.27
C ALA A 189 -37.46 11.19 15.13
N LEU A 190 -37.51 10.52 13.96
CA LEU A 190 -37.81 11.22 12.73
C LEU A 190 -39.30 11.38 12.43
N LYS A 191 -39.72 12.65 12.27
CA LYS A 191 -41.03 12.93 11.70
C LYS A 191 -40.93 13.24 10.21
N TYR A 192 -41.37 12.27 9.38
CA TYR A 192 -41.21 12.46 7.93
C TYR A 192 -42.44 12.14 7.11
N GLU A 193 -42.26 12.21 5.77
CA GLU A 193 -43.39 11.98 4.86
C GLU A 193 -42.96 11.47 3.51
N VAL A 194 -43.39 10.24 3.19
CA VAL A 194 -42.93 9.61 1.98
C VAL A 194 -43.86 9.77 0.79
N GLN A 195 -43.26 9.85 -0.41
CA GLN A 195 -44.06 9.94 -1.63
C GLN A 195 -43.39 9.26 -2.81
N GLY A 196 -44.20 8.48 -3.56
CA GLY A 196 -43.67 7.80 -4.73
C GLY A 196 -42.95 6.51 -4.41
N GLU A 197 -42.07 6.09 -5.34
CA GLU A 197 -41.42 4.80 -5.20
C GLU A 197 -40.17 4.83 -4.35
N VAL A 198 -40.38 4.85 -3.00
CA VAL A 198 -39.24 4.75 -2.12
C VAL A 198 -39.42 3.70 -1.03
N PHE A 199 -38.30 3.07 -0.63
CA PHE A 199 -38.39 1.96 0.31
C PHE A 199 -37.54 2.13 1.55
N THR A 200 -37.95 1.46 2.64
CA THR A 200 -37.13 1.47 3.83
C THR A 200 -36.53 0.12 4.16
N LYS A 201 -35.20 0.04 3.99
CA LYS A 201 -34.51 -1.19 4.27
C LYS A 201 -33.32 -1.00 5.19
N PRO A 202 -32.77 -2.13 5.67
CA PRO A 202 -31.58 -2.04 6.51
C PRO A 202 -30.42 -1.41 5.76
N GLN A 203 -29.56 -0.73 6.52
CA GLN A 203 -28.51 0.06 5.89
C GLN A 203 -27.33 -0.77 5.47
N LEU A 204 -26.60 -0.26 4.47
CA LEU A 204 -25.53 -1.03 3.90
C LEU A 204 -24.19 -0.76 4.57
N TRP A 205 -23.98 0.51 5.00
CA TRP A 205 -22.77 0.79 5.76
C TRP A 205 -22.90 0.39 7.21
N PRO A 206 -21.73 0.25 7.87
CA PRO A 206 -21.73 -0.11 9.28
C PRO A 206 -22.18 1.04 10.14
N GLN B 1 -28.14 -37.55 0.05
CA GLN B 1 -27.71 -36.62 1.08
C GLN B 1 -26.22 -36.66 1.34
N THR B 2 -25.51 -35.67 0.75
CA THR B 2 -24.06 -35.62 0.92
C THR B 2 -23.58 -34.35 1.61
N ASP B 3 -22.77 -34.54 2.67
CA ASP B 3 -22.14 -33.39 3.34
C ASP B 3 -20.87 -32.91 2.62
N MET B 4 -21.05 -31.97 1.68
CA MET B 4 -19.93 -31.53 0.86
C MET B 4 -19.00 -30.58 1.58
N SER B 5 -19.01 -30.67 2.92
CA SER B 5 -18.20 -29.73 3.72
C SER B 5 -16.72 -29.80 3.40
N ARG B 6 -16.19 -28.66 2.94
CA ARG B 6 -14.75 -28.57 2.69
C ARG B 6 -14.33 -29.18 1.37
N LYS B 7 -15.30 -29.28 0.44
CA LYS B 7 -14.97 -29.79 -0.88
C LYS B 7 -15.41 -28.87 -2.00
N ALA B 8 -14.87 -29.05 -3.21
CA ALA B 8 -15.37 -28.28 -4.34
C ALA B 8 -15.38 -29.11 -5.59
N PHE B 9 -16.32 -28.77 -6.49
CA PHE B 9 -16.29 -29.34 -7.82
C PHE B 9 -15.20 -28.72 -8.67
N VAL B 10 -14.29 -29.55 -9.19
CA VAL B 10 -13.28 -29.01 -10.08
C VAL B 10 -13.49 -29.43 -11.54
N PHE B 11 -13.74 -28.41 -12.41
CA PHE B 11 -13.79 -28.64 -13.87
C PHE B 11 -12.46 -28.29 -14.54
N PRO B 12 -11.62 -29.29 -14.81
CA PRO B 12 -10.23 -28.97 -15.17
C PRO B 12 -10.00 -28.53 -16.63
N LYS B 13 -10.93 -28.87 -17.57
CA LYS B 13 -10.73 -28.33 -18.93
C LYS B 13 -12.00 -27.91 -19.68
N GLU B 14 -11.82 -26.93 -20.64
CA GLU B 14 -12.96 -26.38 -21.39
C GLU B 14 -13.69 -27.41 -22.19
N SER B 15 -15.03 -27.47 -22.02
CA SER B 15 -15.76 -28.52 -22.70
C SER B 15 -17.22 -28.22 -22.93
N ASP B 16 -17.90 -29.27 -23.44
CA ASP B 16 -19.28 -29.17 -23.88
C ASP B 16 -20.19 -30.13 -23.12
N THR B 17 -19.57 -30.91 -22.21
CA THR B 17 -20.23 -32.14 -21.78
C THR B 17 -20.05 -32.47 -20.29
N SER B 18 -19.21 -31.69 -19.61
CA SER B 18 -19.10 -31.86 -18.15
C SER B 18 -20.01 -30.93 -17.40
N TYR B 19 -20.78 -31.49 -16.43
CA TYR B 19 -21.53 -30.61 -15.53
C TYR B 19 -21.99 -31.26 -14.26
N VAL B 20 -22.63 -30.46 -13.39
CA VAL B 20 -23.27 -30.99 -12.22
C VAL B 20 -24.70 -30.56 -12.12
N SER B 21 -25.60 -31.52 -11.79
CA SER B 21 -26.99 -31.13 -11.56
C SER B 21 -27.36 -31.09 -10.09
N LEU B 22 -27.81 -29.88 -9.64
CA LEU B 22 -28.37 -29.74 -8.28
C LEU B 22 -29.86 -30.11 -8.22
N LYS B 23 -30.24 -30.89 -7.19
CA LYS B 23 -31.67 -31.19 -7.03
C LYS B 23 -32.33 -30.34 -5.96
N ALA B 24 -33.35 -29.52 -6.38
CA ALA B 24 -33.96 -28.58 -5.43
C ALA B 24 -35.38 -29.00 -5.02
N PRO B 25 -35.54 -29.17 -3.71
CA PRO B 25 -36.83 -29.63 -3.15
C PRO B 25 -37.91 -28.55 -3.24
N LEU B 26 -38.08 -27.98 -4.46
CA LEU B 26 -39.08 -26.93 -4.65
C LEU B 26 -40.53 -27.44 -4.60
N THR B 27 -41.46 -26.56 -4.13
CA THR B 27 -42.87 -26.89 -4.07
C THR B 27 -43.73 -25.67 -4.28
N LYS B 28 -43.30 -24.58 -3.64
CA LYS B 28 -43.88 -23.29 -3.92
C LYS B 28 -43.02 -22.48 -4.86
N PRO B 29 -43.68 -21.71 -5.76
CA PRO B 29 -42.91 -20.80 -6.60
C PRO B 29 -42.15 -19.76 -5.74
N LEU B 30 -41.09 -19.15 -6.34
CA LEU B 30 -40.30 -18.12 -5.65
C LEU B 30 -40.89 -16.71 -5.77
N LYS B 31 -41.00 -16.01 -4.61
CA LYS B 31 -41.30 -14.57 -4.67
C LYS B 31 -40.15 -13.76 -4.15
N ALA B 32 -39.12 -14.50 -3.70
CA ALA B 32 -37.84 -13.88 -3.29
C ALA B 32 -36.79 -14.94 -3.01
N PHE B 33 -35.51 -14.59 -3.25
CA PHE B 33 -34.45 -15.56 -2.96
C PHE B 33 -33.09 -14.99 -2.66
N THR B 34 -32.17 -15.90 -2.24
CA THR B 34 -30.77 -15.52 -2.03
C THR B 34 -29.82 -16.68 -2.31
N VAL B 35 -28.84 -16.45 -3.22
CA VAL B 35 -27.86 -17.51 -3.36
C VAL B 35 -26.43 -17.04 -3.17
N CYS B 36 -25.62 -17.87 -2.49
CA CYS B 36 -24.18 -17.60 -2.40
C CYS B 36 -23.34 -18.77 -2.85
N LEU B 37 -22.09 -18.47 -3.27
CA LEU B 37 -21.16 -19.55 -3.60
C LEU B 37 -19.76 -19.07 -3.90
N HIS B 38 -18.81 -20.02 -3.82
CA HIS B 38 -17.41 -19.70 -4.08
C HIS B 38 -16.96 -20.06 -5.48
N PHE B 39 -16.02 -19.33 -6.10
CA PHE B 39 -15.41 -19.86 -7.32
C PHE B 39 -14.06 -19.27 -7.62
N TYR B 40 -13.38 -19.89 -8.62
CA TYR B 40 -11.95 -19.56 -8.84
C TYR B 40 -11.48 -19.94 -10.22
N THR B 41 -11.09 -18.92 -11.01
CA THR B 41 -10.69 -19.17 -12.39
C THR B 41 -9.79 -18.09 -12.97
N GLU B 42 -9.18 -18.42 -14.12
CA GLU B 42 -8.36 -17.42 -14.82
C GLU B 42 -8.97 -17.00 -16.14
N LEU B 43 -10.26 -17.35 -16.33
CA LEU B 43 -10.90 -17.09 -17.61
C LEU B 43 -11.29 -15.63 -17.80
N SER B 44 -11.39 -14.89 -16.69
CA SER B 44 -12.08 -13.60 -16.71
C SER B 44 -11.55 -12.59 -17.72
N SER B 45 -10.27 -12.71 -18.07
CA SER B 45 -9.70 -11.72 -19.00
C SER B 45 -9.70 -12.18 -20.44
N THR B 46 -9.87 -13.49 -20.62
CA THR B 46 -9.95 -14.01 -21.97
C THR B 46 -11.37 -14.07 -22.49
N ARG B 47 -12.24 -14.83 -21.78
CA ARG B 47 -13.66 -14.86 -22.16
C ARG B 47 -14.62 -14.79 -21.00
N GLY B 48 -15.92 -14.80 -21.33
CA GLY B 48 -16.93 -14.85 -20.28
C GLY B 48 -17.39 -16.26 -20.02
N TYR B 49 -18.12 -16.42 -18.92
CA TYR B 49 -18.56 -17.75 -18.54
C TYR B 49 -19.74 -17.73 -17.59
N SER B 50 -20.43 -18.88 -17.45
CA SER B 50 -21.60 -18.92 -16.53
C SER B 50 -21.25 -19.51 -15.18
N ILE B 51 -21.78 -18.88 -14.11
CA ILE B 51 -21.48 -19.34 -12.76
C ILE B 51 -22.63 -20.11 -12.14
N PHE B 52 -23.88 -19.74 -12.55
CA PHE B 52 -25.07 -20.36 -11.97
C PHE B 52 -26.30 -20.26 -12.86
N SER B 53 -26.71 -21.40 -13.44
CA SER B 53 -27.87 -21.32 -14.35
C SER B 53 -29.11 -21.96 -13.77
N TYR B 54 -30.22 -21.18 -13.80
CA TYR B 54 -31.51 -21.69 -13.28
C TYR B 54 -32.60 -21.69 -14.35
N ALA B 55 -32.89 -22.90 -14.90
CA ALA B 55 -33.76 -23.00 -16.10
C ALA B 55 -35.13 -23.61 -15.79
N THR B 56 -36.15 -22.95 -16.37
CA THR B 56 -37.49 -23.56 -16.39
C THR B 56 -37.99 -23.72 -17.81
N LYS B 57 -38.76 -24.80 -18.04
CA LYS B 57 -39.12 -25.11 -19.42
C LYS B 57 -39.64 -23.92 -20.18
N ARG B 58 -40.25 -22.94 -19.45
CA ARG B 58 -40.71 -21.72 -20.16
C ARG B 58 -39.64 -20.65 -20.32
N GLN B 59 -38.72 -20.55 -19.34
CA GLN B 59 -37.61 -19.59 -19.50
C GLN B 59 -36.26 -20.21 -19.19
N ASP B 60 -35.32 -20.12 -20.17
CA ASP B 60 -34.02 -20.74 -19.94
C ASP B 60 -33.11 -19.92 -19.01
N ASN B 61 -33.25 -18.58 -19.09
CA ASN B 61 -32.58 -17.76 -18.10
C ASN B 61 -33.53 -17.20 -17.05
N GLU B 62 -34.04 -18.12 -16.18
CA GLU B 62 -34.93 -17.70 -15.10
C GLU B 62 -34.20 -16.95 -14.00
N ILE B 63 -33.17 -17.61 -13.43
CA ILE B 63 -32.11 -16.85 -12.74
C ILE B 63 -30.73 -17.28 -13.19
N LEU B 64 -29.99 -16.30 -13.78
CA LEU B 64 -28.67 -16.61 -14.32
C LEU B 64 -27.59 -15.61 -13.93
N ILE B 65 -26.62 -16.10 -13.16
CA ILE B 65 -25.46 -15.27 -12.81
C ILE B 65 -24.28 -15.49 -13.76
N PHE B 66 -23.86 -14.38 -14.41
CA PHE B 66 -22.89 -14.50 -15.52
C PHE B 66 -21.75 -13.49 -15.43
N TRP B 67 -20.52 -13.96 -15.74
CA TRP B 67 -19.44 -13.00 -15.93
C TRP B 67 -19.17 -12.73 -17.39
N SER B 68 -19.28 -11.44 -17.75
CA SER B 68 -18.95 -11.07 -19.12
C SER B 68 -17.67 -10.30 -19.18
N LYS B 69 -16.79 -10.77 -20.07
CA LYS B 69 -15.51 -10.10 -20.24
C LYS B 69 -15.66 -8.62 -20.58
N ASP B 70 -14.84 -7.79 -19.91
CA ASP B 70 -14.81 -6.36 -20.22
C ASP B 70 -15.97 -5.53 -19.64
N ILE B 71 -17.00 -6.22 -19.08
CA ILE B 71 -18.04 -5.45 -18.38
C ILE B 71 -18.06 -5.71 -16.87
N GLY B 72 -18.30 -6.98 -16.50
CA GLY B 72 -18.43 -7.33 -15.08
C GLY B 72 -19.37 -8.49 -14.87
N TYR B 73 -20.06 -8.47 -13.71
CA TYR B 73 -21.10 -9.47 -13.51
C TYR B 73 -22.39 -9.08 -14.19
N SER B 74 -23.09 -10.10 -14.71
CA SER B 74 -24.40 -9.86 -15.29
C SER B 74 -25.48 -10.67 -14.63
N PHE B 75 -26.37 -9.96 -13.90
CA PHE B 75 -27.43 -10.66 -13.17
C PHE B 75 -28.77 -10.52 -13.83
N THR B 76 -29.28 -11.66 -14.34
CA THR B 76 -30.59 -11.63 -14.95
C THR B 76 -31.57 -12.53 -14.26
N VAL B 77 -32.80 -12.00 -14.10
CA VAL B 77 -33.90 -12.83 -13.67
C VAL B 77 -35.15 -12.58 -14.52
N GLY B 78 -35.81 -13.68 -14.92
CA GLY B 78 -36.98 -13.55 -15.78
C GLY B 78 -36.63 -13.10 -17.19
N GLY B 79 -35.36 -13.35 -17.57
CA GLY B 79 -34.94 -13.01 -18.93
C GLY B 79 -34.57 -11.55 -19.08
N SER B 80 -34.68 -10.82 -17.96
CA SER B 80 -34.24 -9.44 -17.95
C SER B 80 -32.88 -9.29 -17.33
N GLU B 81 -32.01 -8.53 -18.00
CA GLU B 81 -30.63 -8.49 -17.56
C GLU B 81 -30.24 -7.19 -16.88
N ILE B 82 -29.53 -7.34 -15.74
CA ILE B 82 -28.99 -6.18 -15.07
C ILE B 82 -27.50 -6.31 -14.86
N LEU B 83 -26.75 -5.18 -14.95
CA LEU B 83 -25.29 -5.24 -15.09
C LEU B 83 -24.53 -4.66 -13.89
N PHE B 84 -23.67 -5.50 -13.27
CA PHE B 84 -22.80 -4.98 -12.20
C PHE B 84 -21.34 -4.84 -12.61
N GLU B 85 -20.98 -3.59 -13.01
CA GLU B 85 -19.69 -3.37 -13.69
C GLU B 85 -18.47 -3.52 -12.82
N VAL B 86 -17.44 -4.22 -13.37
CA VAL B 86 -16.17 -4.28 -12.66
C VAL B 86 -15.00 -3.87 -13.54
N PRO B 87 -14.29 -2.82 -13.10
CA PRO B 87 -13.21 -2.28 -13.91
C PRO B 87 -11.94 -3.11 -13.80
N GLU B 88 -11.42 -3.21 -12.56
CA GLU B 88 -10.23 -4.02 -12.35
C GLU B 88 -10.55 -5.49 -12.21
N VAL B 89 -9.85 -6.43 -12.87
CA VAL B 89 -10.06 -7.82 -12.55
C VAL B 89 -8.80 -8.50 -12.10
N THR B 90 -8.92 -9.31 -11.04
CA THR B 90 -7.75 -10.00 -10.58
C THR B 90 -7.99 -11.45 -10.31
N VAL B 91 -6.95 -12.26 -10.55
CA VAL B 91 -7.10 -13.64 -10.27
C VAL B 91 -6.90 -13.98 -8.82
N ALA B 92 -8.02 -14.35 -8.22
CA ALA B 92 -8.05 -14.85 -6.86
C ALA B 92 -9.38 -15.48 -6.67
N PRO B 93 -9.55 -16.24 -5.59
CA PRO B 93 -10.88 -16.80 -5.40
C PRO B 93 -11.84 -15.74 -4.94
N VAL B 94 -13.08 -15.81 -5.45
CA VAL B 94 -14.05 -14.82 -5.03
C VAL B 94 -15.38 -15.39 -4.56
N HIS B 95 -15.90 -14.80 -3.48
CA HIS B 95 -17.19 -15.21 -2.92
C HIS B 95 -18.28 -14.16 -3.21
N ILE B 96 -19.47 -14.64 -3.67
CA ILE B 96 -20.58 -13.70 -3.83
C ILE B 96 -21.90 -14.20 -3.30
N CYS B 97 -22.69 -13.22 -2.84
CA CYS B 97 -24.10 -13.43 -2.56
C CYS B 97 -24.97 -12.55 -3.41
N THR B 98 -26.21 -13.00 -3.70
CA THR B 98 -27.11 -12.16 -4.47
C THR B 98 -28.57 -12.37 -4.12
N SER B 99 -29.32 -11.25 -3.94
CA SER B 99 -30.75 -11.39 -3.59
C SER B 99 -31.70 -10.73 -4.58
N TRP B 100 -32.99 -11.20 -4.55
CA TRP B 100 -34.06 -10.52 -5.28
C TRP B 100 -35.41 -10.63 -4.56
N GLU B 101 -36.23 -9.57 -4.67
CA GLU B 101 -37.54 -9.57 -3.99
C GLU B 101 -38.66 -9.03 -4.85
N SER B 102 -39.71 -9.86 -5.05
CA SER B 102 -40.75 -9.51 -6.04
C SER B 102 -41.53 -8.26 -5.71
N ALA B 103 -41.74 -8.01 -4.40
CA ALA B 103 -42.65 -6.91 -4.03
C ALA B 103 -42.09 -5.53 -4.34
N SER B 104 -40.78 -5.38 -4.07
CA SER B 104 -40.14 -4.06 -4.30
C SER B 104 -39.27 -4.03 -5.55
N GLY B 105 -38.76 -5.22 -5.92
CA GLY B 105 -37.99 -5.33 -7.16
C GLY B 105 -36.52 -5.06 -6.96
N ILE B 106 -36.12 -5.04 -5.67
CA ILE B 106 -34.72 -4.66 -5.36
C ILE B 106 -33.78 -5.84 -5.33
N VAL B 107 -32.68 -5.72 -6.10
CA VAL B 107 -31.65 -6.73 -6.03
C VAL B 107 -30.41 -6.25 -5.32
N GLU B 108 -29.83 -7.14 -4.49
CA GLU B 108 -28.49 -6.89 -3.95
C GLU B 108 -27.42 -7.74 -4.62
N PHE B 109 -26.19 -7.21 -4.64
CA PHE B 109 -25.05 -8.01 -5.11
C PHE B 109 -23.81 -7.81 -4.26
N TRP B 110 -23.46 -8.84 -3.49
CA TRP B 110 -22.30 -8.73 -2.63
C TRP B 110 -21.08 -9.46 -3.16
N VAL B 111 -19.97 -8.73 -3.27
CA VAL B 111 -18.73 -9.37 -3.62
C VAL B 111 -17.71 -9.35 -2.49
N ASP B 112 -17.19 -10.54 -2.18
CA ASP B 112 -16.27 -10.66 -1.08
C ASP B 112 -16.65 -9.83 0.13
N GLY B 113 -17.94 -9.89 0.48
CA GLY B 113 -18.38 -9.29 1.75
C GLY B 113 -18.83 -7.83 1.64
N LYS B 114 -18.44 -7.16 0.53
CA LYS B 114 -18.86 -5.77 0.32
C LYS B 114 -19.98 -5.64 -0.69
N PRO B 115 -20.86 -4.64 -0.45
CA PRO B 115 -22.10 -4.56 -1.24
C PRO B 115 -22.01 -3.56 -2.38
N ARG B 116 -22.67 -3.93 -3.50
CA ARG B 116 -22.95 -2.95 -4.52
C ARG B 116 -24.29 -2.27 -4.33
N VAL B 117 -24.40 -1.05 -4.87
CA VAL B 117 -25.67 -0.36 -4.87
C VAL B 117 -26.84 -1.26 -5.21
N ARG B 118 -28.02 -0.97 -4.60
CA ARG B 118 -29.23 -1.73 -4.93
C ARG B 118 -29.89 -1.25 -6.22
N LYS B 119 -30.47 -2.20 -6.98
CA LYS B 119 -31.12 -1.82 -8.22
C LYS B 119 -32.52 -2.42 -8.36
N SER B 120 -33.28 -1.90 -9.33
CA SER B 120 -34.65 -2.40 -9.52
C SER B 120 -34.75 -3.32 -10.70
N LEU B 121 -35.50 -4.43 -10.49
CA LEU B 121 -35.60 -5.45 -11.54
C LEU B 121 -36.73 -6.45 -11.27
N LYS B 122 -37.61 -6.60 -12.28
CA LYS B 122 -38.67 -7.64 -12.22
C LYS B 122 -39.60 -7.55 -11.02
N LYS B 123 -39.98 -6.31 -10.63
CA LYS B 123 -41.04 -6.21 -9.61
C LYS B 123 -42.31 -6.92 -10.04
N GLY B 124 -42.89 -7.72 -9.12
CA GLY B 124 -44.18 -8.35 -9.42
C GLY B 124 -44.05 -9.73 -10.07
N TYR B 125 -42.83 -10.05 -10.51
CA TYR B 125 -42.58 -11.39 -11.08
C TYR B 125 -42.66 -12.48 -10.03
N THR B 126 -43.00 -13.68 -10.49
CA THR B 126 -42.74 -14.86 -9.66
C THR B 126 -41.86 -15.85 -10.36
N VAL B 127 -40.89 -16.39 -9.63
CA VAL B 127 -39.99 -17.32 -10.26
C VAL B 127 -40.45 -18.77 -10.17
N GLY B 128 -40.17 -19.53 -11.27
CA GLY B 128 -40.74 -20.88 -11.39
C GLY B 128 -40.18 -21.86 -10.39
N ALA B 129 -40.94 -22.96 -10.17
CA ALA B 129 -40.54 -23.90 -9.10
C ALA B 129 -39.94 -25.19 -9.64
N GLU B 130 -40.54 -25.68 -10.75
CA GLU B 130 -39.97 -26.85 -11.42
C GLU B 130 -38.90 -26.49 -12.44
N ALA B 131 -37.63 -26.71 -12.03
CA ALA B 131 -36.52 -26.12 -12.81
C ALA B 131 -35.23 -26.92 -12.72
N SER B 132 -34.36 -26.68 -13.73
CA SER B 132 -33.03 -27.32 -13.76
C SER B 132 -31.95 -26.39 -13.25
N ILE B 133 -31.20 -26.84 -12.20
CA ILE B 133 -30.09 -26.02 -11.71
C ILE B 133 -28.73 -26.61 -12.07
N ILE B 134 -27.96 -25.89 -12.91
CA ILE B 134 -26.73 -26.50 -13.36
C ILE B 134 -25.46 -25.67 -13.11
N LEU B 135 -24.44 -26.38 -12.55
CA LEU B 135 -23.09 -25.78 -12.34
C LEU B 135 -22.11 -26.19 -13.45
N GLY B 136 -21.63 -25.18 -14.23
CA GLY B 136 -20.50 -25.51 -15.14
C GLY B 136 -20.79 -25.28 -16.61
N GLN B 137 -22.07 -25.42 -16.98
CA GLN B 137 -22.47 -25.00 -18.32
C GLN B 137 -23.58 -23.97 -18.32
N GLU B 138 -23.83 -23.40 -19.51
CA GLU B 138 -24.94 -22.47 -19.66
C GLU B 138 -26.11 -23.08 -20.38
N GLN B 139 -27.32 -22.78 -19.88
CA GLN B 139 -28.50 -23.41 -20.46
C GLN B 139 -29.18 -22.54 -21.48
N ASP B 140 -29.67 -23.23 -22.52
CA ASP B 140 -30.61 -22.62 -23.47
C ASP B 140 -31.86 -23.45 -23.63
N SER B 141 -31.82 -24.66 -23.02
CA SER B 141 -33.03 -25.48 -22.87
C SER B 141 -33.06 -26.26 -21.58
N PHE B 142 -34.28 -26.47 -21.06
CA PHE B 142 -34.43 -27.24 -19.83
C PHE B 142 -33.47 -28.41 -19.72
N GLY B 143 -32.30 -28.16 -19.08
CA GLY B 143 -31.35 -29.25 -18.87
C GLY B 143 -30.37 -29.43 -20.00
N GLY B 144 -30.49 -28.65 -21.11
CA GLY B 144 -29.70 -28.97 -22.31
C GLY B 144 -29.26 -27.76 -23.13
N ASN B 145 -28.60 -28.08 -24.28
CA ASN B 145 -28.12 -27.04 -25.20
C ASN B 145 -27.02 -26.18 -24.64
N PHE B 146 -25.83 -26.82 -24.48
CA PHE B 146 -24.69 -26.12 -23.88
C PHE B 146 -23.76 -25.47 -24.90
N GLU B 147 -23.48 -24.16 -24.71
CA GLU B 147 -22.30 -23.74 -25.45
C GLU B 147 -21.05 -23.69 -24.63
N GLY B 148 -20.03 -24.27 -25.30
CA GLY B 148 -18.75 -24.44 -24.62
C GLY B 148 -18.06 -23.12 -24.35
N SER B 149 -18.35 -22.14 -25.23
CA SER B 149 -17.73 -20.82 -25.06
C SER B 149 -18.27 -20.08 -23.85
N GLN B 150 -19.22 -20.73 -23.15
CA GLN B 150 -19.73 -20.15 -21.91
C GLN B 150 -19.43 -21.02 -20.71
N SER B 151 -18.66 -22.09 -20.96
CA SER B 151 -18.36 -23.03 -19.86
C SER B 151 -17.42 -22.46 -18.82
N LEU B 152 -17.41 -23.12 -17.65
CA LEU B 152 -16.54 -22.69 -16.57
C LEU B 152 -15.37 -23.63 -16.35
N VAL B 153 -14.15 -23.05 -16.38
CA VAL B 153 -12.99 -23.84 -16.00
C VAL B 153 -12.37 -23.35 -14.70
N GLY B 154 -12.21 -24.30 -13.76
CA GLY B 154 -11.75 -23.95 -12.42
C GLY B 154 -12.55 -24.67 -11.36
N ASP B 155 -12.59 -24.06 -10.16
CA ASP B 155 -13.35 -24.68 -9.08
C ASP B 155 -14.61 -23.92 -8.73
N ILE B 156 -15.61 -24.66 -8.23
CA ILE B 156 -16.77 -23.99 -7.64
C ILE B 156 -17.26 -24.70 -6.38
N GLY B 157 -17.72 -23.90 -5.38
CA GLY B 157 -18.10 -24.53 -4.10
C GLY B 157 -19.07 -23.72 -3.26
N ASN B 158 -19.35 -24.28 -2.06
CA ASN B 158 -20.22 -23.61 -1.09
C ASN B 158 -21.39 -22.89 -1.70
N VAL B 159 -22.06 -23.54 -2.66
CA VAL B 159 -23.29 -22.93 -3.13
C VAL B 159 -24.47 -23.26 -2.23
N ASN B 160 -25.15 -22.19 -1.78
CA ASN B 160 -26.30 -22.34 -0.88
C ASN B 160 -27.45 -21.47 -1.34
N MET B 161 -28.70 -21.92 -1.06
CA MET B 161 -29.81 -21.08 -1.50
C MET B 161 -30.92 -20.95 -0.45
N TRP B 162 -31.37 -19.68 -0.23
CA TRP B 162 -32.55 -19.45 0.60
C TRP B 162 -33.76 -19.01 -0.24
N ASP B 163 -34.97 -19.09 0.38
CA ASP B 163 -36.17 -18.62 -0.32
C ASP B 163 -36.68 -17.27 0.19
N PHE B 164 -35.91 -16.70 1.15
CA PHE B 164 -36.12 -15.29 1.48
C PHE B 164 -34.86 -14.45 1.31
N VAL B 165 -34.93 -13.19 1.78
CA VAL B 165 -33.79 -12.29 1.56
C VAL B 165 -32.95 -12.08 2.81
N LEU B 166 -31.63 -12.34 2.65
CA LEU B 166 -30.72 -12.26 3.79
C LEU B 166 -30.40 -10.84 4.21
N SER B 167 -30.29 -10.65 5.54
CA SER B 167 -29.87 -9.35 6.04
C SER B 167 -28.37 -9.15 5.92
N PRO B 168 -27.96 -7.87 5.92
CA PRO B 168 -26.53 -7.58 5.76
C PRO B 168 -25.69 -8.21 6.86
N ASP B 169 -26.29 -8.27 8.08
CA ASP B 169 -25.61 -8.98 9.17
C ASP B 169 -25.48 -10.46 8.91
N GLU B 170 -26.57 -11.07 8.40
CA GLU B 170 -26.49 -12.47 8.05
C GLU B 170 -25.43 -12.79 7.01
N ILE B 171 -25.42 -12.00 5.91
CA ILE B 171 -24.44 -12.24 4.86
C ILE B 171 -22.98 -12.10 5.33
N ASN B 172 -22.76 -11.23 6.34
CA ASN B 172 -21.41 -11.12 6.86
C ASN B 172 -20.92 -12.40 7.50
N THR B 173 -21.82 -13.07 8.26
CA THR B 173 -21.40 -14.30 8.90
C THR B 173 -21.19 -15.43 7.91
N ILE B 174 -22.10 -15.57 6.95
CA ILE B 174 -21.78 -16.51 5.88
C ILE B 174 -20.42 -16.24 5.27
N TYR B 175 -20.03 -14.95 5.26
CA TYR B 175 -18.73 -14.61 4.67
C TYR B 175 -17.57 -15.04 5.55
N LEU B 176 -17.62 -14.64 6.83
CA LEU B 176 -16.55 -15.02 7.73
C LEU B 176 -16.51 -16.51 8.03
N GLY B 177 -17.46 -17.24 7.39
CA GLY B 177 -17.50 -18.69 7.60
C GLY B 177 -18.27 -19.10 8.84
N GLY B 178 -19.09 -18.16 9.36
CA GLY B 178 -20.02 -18.50 10.43
C GLY B 178 -21.14 -19.42 9.95
N PRO B 179 -22.02 -19.84 10.89
CA PRO B 179 -22.99 -20.87 10.52
C PRO B 179 -24.29 -20.28 10.01
N PHE B 180 -24.92 -21.05 9.15
CA PHE B 180 -26.26 -20.70 8.70
C PHE B 180 -27.07 -21.92 8.39
N SER B 181 -28.38 -21.72 8.20
CA SER B 181 -29.18 -22.81 7.66
C SER B 181 -29.97 -22.44 6.43
N PRO B 182 -29.44 -22.83 5.27
CA PRO B 182 -30.20 -22.59 4.04
C PRO B 182 -31.39 -23.51 3.96
N ASN B 183 -32.39 -23.09 3.18
CA ASN B 183 -33.60 -23.88 3.16
C ASN B 183 -34.07 -24.31 1.77
N VAL B 184 -33.37 -23.85 0.71
CA VAL B 184 -33.57 -24.50 -0.58
C VAL B 184 -32.42 -25.45 -0.94
N LEU B 185 -31.26 -24.84 -1.28
CA LEU B 185 -30.04 -25.64 -1.50
C LEU B 185 -29.11 -25.62 -0.29
N ASN B 186 -28.77 -26.83 0.25
CA ASN B 186 -27.80 -26.87 1.38
C ASN B 186 -26.57 -27.71 1.09
N TRP B 187 -25.41 -27.03 1.08
CA TRP B 187 -24.14 -27.70 0.73
C TRP B 187 -23.78 -28.88 1.64
N ARG B 188 -24.18 -28.78 2.96
CA ARG B 188 -23.87 -29.87 3.92
C ARG B 188 -24.84 -31.03 3.86
N ALA B 189 -25.75 -30.91 2.92
CA ALA B 189 -26.65 -32.01 2.67
C ALA B 189 -27.10 -31.93 1.25
N LEU B 190 -26.12 -32.06 0.37
CA LEU B 190 -26.34 -31.80 -1.03
C LEU B 190 -26.77 -33.02 -1.79
N LYS B 191 -27.84 -32.86 -2.59
CA LYS B 191 -28.26 -33.95 -3.45
C LYS B 191 -28.07 -33.60 -4.90
N TYR B 192 -27.09 -34.26 -5.55
CA TYR B 192 -26.70 -33.77 -6.88
C TYR B 192 -26.37 -34.87 -7.87
N GLU B 193 -26.25 -34.48 -9.16
CA GLU B 193 -25.93 -35.47 -10.20
C GLU B 193 -24.78 -35.04 -11.07
N VAL B 194 -23.71 -35.89 -11.11
CA VAL B 194 -22.51 -35.49 -11.82
C VAL B 194 -22.39 -36.11 -13.21
N GLN B 195 -21.78 -35.34 -14.16
CA GLN B 195 -21.77 -35.79 -15.55
C GLN B 195 -20.64 -35.20 -16.39
N GLY B 196 -19.61 -36.04 -16.63
CA GLY B 196 -18.49 -35.59 -17.46
C GLY B 196 -17.17 -35.54 -16.71
N GLU B 197 -16.24 -34.71 -17.22
CA GLU B 197 -14.96 -34.59 -16.54
C GLU B 197 -14.96 -33.56 -15.46
N VAL B 198 -15.62 -33.91 -14.34
CA VAL B 198 -15.47 -33.11 -13.16
C VAL B 198 -14.97 -33.94 -11.99
N PHE B 199 -14.04 -33.37 -11.23
CA PHE B 199 -13.60 -34.07 -10.04
C PHE B 199 -14.05 -33.39 -8.77
N THR B 200 -13.96 -34.13 -7.68
CA THR B 200 -14.35 -33.55 -6.42
C THR B 200 -13.22 -33.49 -5.42
N LYS B 201 -12.55 -32.34 -5.40
CA LYS B 201 -11.36 -32.19 -4.58
C LYS B 201 -11.53 -31.23 -3.43
N PRO B 202 -10.58 -31.30 -2.49
CA PRO B 202 -10.58 -30.34 -1.41
C PRO B 202 -10.52 -28.92 -1.94
N GLN B 203 -11.07 -27.98 -1.15
CA GLN B 203 -11.22 -26.60 -1.64
C GLN B 203 -9.99 -25.76 -1.42
N LEU B 204 -9.75 -24.85 -2.41
CA LEU B 204 -8.53 -24.03 -2.37
C LEU B 204 -8.63 -22.85 -1.44
N TRP B 205 -9.88 -22.43 -1.18
CA TRP B 205 -10.05 -21.31 -0.30
C TRP B 205 -10.32 -21.71 1.13
N PRO B 206 -10.20 -20.73 2.03
CA PRO B 206 -10.63 -20.96 3.41
C PRO B 206 -12.09 -20.58 3.58
N GLN C 1 23.39 -39.74 3.53
CA GLN C 1 22.46 -39.21 4.51
C GLN C 1 23.06 -38.09 5.34
N THR C 2 22.80 -36.84 4.89
CA THR C 2 23.24 -35.70 5.65
C THR C 2 22.10 -34.73 5.97
N ASP C 3 22.08 -34.27 7.24
CA ASP C 3 21.08 -33.25 7.59
C ASP C 3 21.43 -31.87 7.08
N MET C 4 20.78 -31.48 5.96
CA MET C 4 21.02 -30.15 5.40
C MET C 4 20.14 -29.09 6.00
N SER C 5 19.82 -29.24 7.29
CA SER C 5 18.95 -28.26 7.91
C SER C 5 19.58 -26.90 8.08
N ARG C 6 18.84 -25.88 7.58
CA ARG C 6 19.30 -24.49 7.63
C ARG C 6 20.52 -24.20 6.80
N LYS C 7 20.88 -25.16 5.92
CA LYS C 7 21.94 -24.83 4.95
C LYS C 7 21.44 -24.87 3.52
N ALA C 8 22.30 -24.46 2.58
CA ALA C 8 21.85 -24.37 1.19
C ALA C 8 22.98 -24.50 0.21
N PHE C 9 22.60 -24.86 -1.04
CA PHE C 9 23.60 -24.96 -2.11
C PHE C 9 23.73 -23.68 -2.89
N VAL C 10 24.95 -23.11 -2.94
CA VAL C 10 25.10 -21.83 -3.64
C VAL C 10 25.92 -21.91 -4.94
N PHE C 11 25.25 -21.58 -6.08
CA PHE C 11 25.94 -21.56 -7.37
C PHE C 11 26.40 -20.15 -7.77
N PRO C 12 27.69 -19.86 -7.47
CA PRO C 12 28.12 -18.45 -7.50
C PRO C 12 28.26 -17.87 -8.90
N LYS C 13 28.55 -18.75 -9.89
CA LYS C 13 28.65 -18.22 -11.25
C LYS C 13 28.14 -19.14 -12.35
N GLU C 14 27.97 -18.56 -13.55
CA GLU C 14 27.43 -19.34 -14.67
C GLU C 14 28.39 -20.40 -15.16
N SER C 15 27.86 -21.63 -15.33
CA SER C 15 28.72 -22.71 -15.84
C SER C 15 28.00 -23.69 -16.73
N ASP C 16 28.83 -24.60 -17.31
CA ASP C 16 28.34 -25.76 -18.05
C ASP C 16 28.41 -27.02 -17.18
N THR C 17 29.00 -26.85 -15.98
CA THR C 17 29.74 -27.95 -15.38
C THR C 17 29.53 -28.12 -13.89
N SER C 18 28.89 -27.12 -13.27
CA SER C 18 28.59 -27.24 -11.85
C SER C 18 27.18 -27.67 -11.61
N TYR C 19 27.04 -28.74 -10.81
CA TYR C 19 25.70 -29.21 -10.50
C TYR C 19 25.67 -30.16 -9.32
N VAL C 20 24.46 -30.35 -8.76
CA VAL C 20 24.33 -31.33 -7.70
C VAL C 20 23.45 -32.50 -8.09
N SER C 21 23.86 -33.69 -7.65
CA SER C 21 23.10 -34.89 -8.03
C SER C 21 22.40 -35.54 -6.85
N LEU C 22 21.04 -35.54 -6.92
CA LEU C 22 20.26 -36.11 -5.81
C LEU C 22 19.97 -37.60 -5.98
N LYS C 23 20.34 -38.40 -4.94
CA LYS C 23 20.13 -39.84 -5.04
C LYS C 23 18.86 -40.32 -4.34
N ALA C 24 17.82 -40.61 -5.15
CA ALA C 24 16.50 -40.94 -4.56
C ALA C 24 16.20 -42.44 -4.61
N PRO C 25 15.75 -42.94 -3.44
CA PRO C 25 15.51 -44.40 -3.29
C PRO C 25 14.19 -44.83 -3.89
N LEU C 26 14.10 -44.79 -5.24
CA LEU C 26 12.83 -45.17 -5.87
C LEU C 26 12.76 -46.65 -6.27
N THR C 27 11.57 -47.26 -6.02
CA THR C 27 11.39 -48.67 -6.35
C THR C 27 10.27 -48.87 -7.32
N LYS C 28 9.11 -48.31 -6.98
CA LYS C 28 7.99 -48.32 -7.89
C LYS C 28 7.98 -47.11 -8.79
N PRO C 29 7.33 -47.26 -9.93
CA PRO C 29 6.96 -46.09 -10.70
C PRO C 29 6.12 -45.16 -9.85
N LEU C 30 6.17 -43.86 -10.22
CA LEU C 30 5.29 -42.87 -9.59
C LEU C 30 3.94 -42.76 -10.30
N LYS C 31 2.84 -42.84 -9.50
CA LYS C 31 1.52 -42.51 -10.06
C LYS C 31 1.04 -41.16 -9.62
N ALA C 32 1.72 -40.65 -8.58
CA ALA C 32 1.48 -39.28 -8.13
C ALA C 32 2.63 -38.78 -7.29
N PHE C 33 2.90 -37.47 -7.37
CA PHE C 33 3.98 -36.93 -6.54
C PHE C 33 3.78 -35.51 -6.08
N THR C 34 4.61 -35.11 -5.10
CA THR C 34 4.63 -33.72 -4.68
C THR C 34 6.03 -33.23 -4.36
N VAL C 35 6.48 -32.17 -5.06
CA VAL C 35 7.83 -31.67 -4.80
C VAL C 35 7.86 -30.21 -4.35
N CYS C 36 8.76 -29.91 -3.37
CA CYS C 36 8.89 -28.52 -2.93
C CYS C 36 10.33 -28.11 -2.67
N LEU C 37 10.63 -26.83 -2.96
CA LEU C 37 11.99 -26.33 -2.71
C LEU C 37 12.11 -24.82 -2.72
N HIS C 38 13.17 -24.34 -2.04
CA HIS C 38 13.41 -22.89 -2.00
C HIS C 38 14.47 -22.44 -3.01
N PHE C 39 14.31 -21.23 -3.59
CA PHE C 39 15.34 -20.72 -4.50
C PHE C 39 15.28 -19.23 -4.72
N TYR C 40 16.54 -18.71 -4.82
CA TYR C 40 16.79 -17.26 -4.89
C TYR C 40 17.79 -16.90 -5.98
N THR C 41 17.29 -16.23 -7.04
CA THR C 41 18.17 -15.74 -8.09
C THR C 41 17.71 -14.41 -8.66
N GLU C 42 18.65 -13.71 -9.30
CA GLU C 42 18.30 -12.48 -9.99
C GLU C 42 18.29 -12.64 -11.49
N LEU C 43 18.22 -13.91 -11.93
CA LEU C 43 18.26 -14.20 -13.37
C LEU C 43 16.96 -13.86 -14.07
N SER C 44 15.90 -13.75 -13.28
CA SER C 44 14.53 -13.83 -13.85
C SER C 44 14.20 -12.78 -14.90
N SER C 45 15.04 -11.74 -15.00
CA SER C 45 14.72 -10.67 -15.95
C SER C 45 15.63 -10.63 -17.16
N THR C 46 16.60 -11.56 -17.19
CA THR C 46 17.52 -11.58 -18.31
C THR C 46 17.41 -12.84 -19.15
N ARG C 47 17.21 -13.98 -18.47
CA ARG C 47 16.92 -15.22 -19.21
C ARG C 47 16.22 -16.25 -18.40
N GLY C 48 16.11 -17.45 -19.00
CA GLY C 48 15.44 -18.53 -18.29
C GLY C 48 16.41 -19.39 -17.52
N TYR C 49 15.85 -20.26 -16.67
CA TYR C 49 16.68 -21.26 -16.01
C TYR C 49 15.88 -22.41 -15.47
N SER C 50 16.56 -23.55 -15.31
CA SER C 50 15.88 -24.70 -14.71
C SER C 50 15.95 -24.69 -13.21
N ILE C 51 14.79 -24.93 -12.58
CA ILE C 51 14.77 -25.06 -11.12
C ILE C 51 14.93 -26.52 -10.67
N PHE C 52 14.11 -27.41 -11.27
CA PHE C 52 14.17 -28.85 -10.92
C PHE C 52 14.17 -29.74 -12.16
N SER C 53 15.22 -30.60 -12.32
CA SER C 53 15.16 -31.49 -13.48
C SER C 53 15.18 -32.95 -13.10
N TYR C 54 14.20 -33.70 -13.65
CA TYR C 54 14.09 -35.13 -13.37
C TYR C 54 14.00 -35.97 -14.66
N ALA C 55 15.07 -36.75 -14.93
CA ALA C 55 15.18 -37.43 -16.25
C ALA C 55 15.37 -38.96 -16.12
N THR C 56 15.12 -39.54 -17.29
CA THR C 56 14.99 -40.98 -17.43
C THR C 56 15.59 -41.41 -18.74
N LYS C 57 16.07 -42.67 -18.82
CA LYS C 57 16.81 -43.06 -20.04
C LYS C 57 16.01 -42.89 -21.32
N ARG C 58 14.66 -42.90 -21.16
CA ARG C 58 13.76 -42.72 -22.31
C ARG C 58 13.33 -41.29 -22.51
N GLN C 59 13.31 -40.52 -21.40
CA GLN C 59 12.79 -39.16 -21.46
C GLN C 59 13.62 -38.21 -20.61
N ASP C 60 14.11 -37.11 -21.24
CA ASP C 60 14.94 -36.19 -20.44
C ASP C 60 14.13 -35.11 -19.73
N ASN C 61 12.86 -34.92 -20.17
CA ASN C 61 11.95 -34.07 -19.40
C ASN C 61 10.81 -34.85 -18.77
N GLU C 62 11.20 -35.84 -17.90
CA GLU C 62 10.20 -36.64 -17.17
C GLU C 62 9.37 -35.82 -16.20
N ILE C 63 10.07 -35.12 -15.24
CA ILE C 63 9.47 -33.93 -14.64
C ILE C 63 10.46 -32.79 -14.56
N LEU C 64 10.00 -31.58 -14.99
CA LEU C 64 10.89 -30.43 -15.04
C LEU C 64 10.21 -29.12 -14.67
N ILE C 65 10.78 -28.43 -13.66
CA ILE C 65 10.27 -27.10 -13.32
C ILE C 65 11.20 -25.99 -13.80
N PHE C 66 10.64 -25.08 -14.62
CA PHE C 66 11.46 -24.13 -15.40
C PHE C 66 10.87 -22.72 -15.45
N TRP C 67 11.71 -21.70 -15.09
CA TRP C 67 11.29 -20.32 -15.32
C TRP C 67 11.65 -19.84 -16.72
N SER C 68 10.65 -19.28 -17.44
CA SER C 68 10.95 -18.74 -18.78
C SER C 68 10.58 -17.28 -18.94
N LYS C 69 11.64 -16.45 -19.00
CA LYS C 69 11.50 -15.00 -19.10
C LYS C 69 10.32 -14.51 -19.92
N ASP C 70 9.57 -13.56 -19.33
CA ASP C 70 8.51 -12.88 -20.07
C ASP C 70 7.22 -13.70 -20.24
N ILE C 71 7.21 -14.91 -19.67
CA ILE C 71 5.96 -15.68 -19.62
C ILE C 71 5.59 -16.11 -18.22
N GLY C 72 6.57 -16.74 -17.54
CA GLY C 72 6.32 -17.19 -16.17
C GLY C 72 6.86 -18.56 -15.89
N TYR C 73 6.09 -19.33 -15.13
CA TYR C 73 6.52 -20.69 -14.79
C TYR C 73 6.13 -21.70 -15.84
N SER C 74 7.10 -22.59 -16.15
CA SER C 74 6.76 -23.77 -16.95
C SER C 74 6.87 -25.05 -16.15
N PHE C 75 5.78 -25.84 -16.18
CA PHE C 75 5.81 -27.16 -15.52
C PHE C 75 5.50 -28.29 -16.47
N THR C 76 6.45 -29.21 -16.61
CA THR C 76 6.24 -30.28 -17.56
C THR C 76 6.52 -31.66 -17.01
N VAL C 77 5.55 -32.57 -17.22
CA VAL C 77 5.81 -33.98 -16.97
C VAL C 77 5.61 -34.82 -18.23
N GLY C 78 6.50 -35.82 -18.40
CA GLY C 78 6.39 -36.69 -19.57
C GLY C 78 6.57 -35.96 -20.87
N GLY C 79 7.54 -35.03 -20.87
CA GLY C 79 7.81 -34.26 -22.08
C GLY C 79 6.63 -33.43 -22.53
N SER C 80 5.65 -33.29 -21.64
CA SER C 80 4.52 -32.41 -21.97
C SER C 80 4.42 -31.22 -21.06
N GLU C 81 4.20 -30.04 -21.68
CA GLU C 81 4.39 -28.78 -20.95
C GLU C 81 3.07 -28.11 -20.55
N ILE C 82 3.04 -27.58 -19.29
CA ILE C 82 1.92 -26.72 -18.90
C ILE C 82 2.45 -25.39 -18.34
N LEU C 83 1.62 -24.33 -18.48
CA LEU C 83 2.11 -22.98 -18.22
C LEU C 83 1.32 -22.21 -17.16
N PHE C 84 2.05 -21.80 -16.09
CA PHE C 84 1.50 -20.80 -15.18
C PHE C 84 2.13 -19.43 -15.35
N GLU C 85 1.36 -18.52 -15.96
CA GLU C 85 1.92 -17.22 -16.32
C GLU C 85 2.03 -16.24 -15.16
N VAL C 86 3.17 -15.50 -15.12
CA VAL C 86 3.33 -14.61 -13.99
C VAL C 86 3.61 -13.16 -14.42
N PRO C 87 2.55 -12.34 -14.38
CA PRO C 87 2.62 -10.98 -14.94
C PRO C 87 3.85 -10.23 -14.44
N GLU C 88 3.82 -9.91 -13.11
CA GLU C 88 4.86 -9.04 -12.54
C GLU C 88 5.94 -9.76 -11.72
N VAL C 89 7.23 -9.59 -12.03
CA VAL C 89 8.25 -10.28 -11.29
C VAL C 89 8.97 -9.36 -10.32
N THR C 90 9.27 -9.91 -9.14
CA THR C 90 10.11 -9.19 -8.21
C THR C 90 11.21 -10.06 -7.68
N VAL C 91 12.27 -9.42 -7.16
CA VAL C 91 13.35 -10.23 -6.70
C VAL C 91 13.38 -10.44 -5.21
N ALA C 92 13.30 -11.70 -4.86
CA ALA C 92 13.20 -12.14 -3.49
C ALA C 92 13.15 -13.63 -3.49
N PRO C 93 13.58 -14.24 -2.40
CA PRO C 93 13.50 -15.69 -2.38
C PRO C 93 12.07 -16.15 -2.54
N VAL C 94 11.89 -17.31 -3.22
CA VAL C 94 10.55 -17.89 -3.23
C VAL C 94 10.52 -19.36 -2.92
N HIS C 95 9.41 -19.75 -2.26
CA HIS C 95 9.08 -21.15 -2.05
C HIS C 95 7.96 -21.58 -2.98
N ILE C 96 8.17 -22.70 -3.69
CA ILE C 96 7.03 -23.29 -4.39
C ILE C 96 6.85 -24.75 -4.10
N CYS C 97 5.57 -25.18 -4.20
CA CYS C 97 5.20 -26.57 -4.14
C CYS C 97 4.42 -26.99 -5.35
N THR C 98 4.72 -28.17 -5.93
CA THR C 98 3.91 -28.60 -7.08
C THR C 98 3.59 -30.08 -7.06
N SER C 99 2.41 -30.42 -7.61
CA SER C 99 2.01 -31.84 -7.57
C SER C 99 1.12 -32.27 -8.72
N TRP C 100 1.27 -33.55 -9.12
CA TRP C 100 0.51 -34.12 -10.24
C TRP C 100 -0.09 -35.48 -9.88
N GLU C 101 -1.28 -35.79 -10.45
CA GLU C 101 -1.89 -37.10 -10.18
C GLU C 101 -2.40 -37.80 -11.41
N SER C 102 -1.84 -39.00 -11.67
CA SER C 102 -2.27 -39.77 -12.84
C SER C 102 -3.78 -39.88 -12.97
N ALA C 103 -4.42 -40.40 -11.89
CA ALA C 103 -5.84 -40.79 -11.99
C ALA C 103 -6.74 -39.70 -12.51
N SER C 104 -6.43 -38.45 -12.12
CA SER C 104 -7.30 -37.33 -12.50
C SER C 104 -6.70 -36.43 -13.56
N GLY C 105 -5.35 -36.37 -13.55
CA GLY C 105 -4.68 -35.49 -14.51
C GLY C 105 -4.52 -34.09 -14.00
N ILE C 106 -4.70 -33.93 -12.69
CA ILE C 106 -4.76 -32.57 -12.17
C ILE C 106 -3.44 -32.10 -11.54
N VAL C 107 -2.99 -30.92 -12.01
CA VAL C 107 -1.79 -30.33 -11.44
C VAL C 107 -2.11 -29.17 -10.49
N GLU C 108 -1.49 -29.18 -9.31
CA GLU C 108 -1.57 -27.99 -8.46
C GLU C 108 -0.24 -27.25 -8.40
N PHE C 109 -0.30 -25.88 -8.47
CA PHE C 109 0.95 -25.08 -8.36
C PHE C 109 0.90 -24.05 -7.22
N TRP C 110 1.65 -24.34 -6.13
CA TRP C 110 1.61 -23.44 -4.96
C TRP C 110 2.83 -22.49 -4.88
N VAL C 111 2.58 -21.18 -5.11
CA VAL C 111 3.67 -20.22 -4.97
C VAL C 111 3.57 -19.43 -3.66
N ASP C 112 4.67 -19.46 -2.88
CA ASP C 112 4.64 -18.77 -1.60
C ASP C 112 3.37 -19.04 -0.79
N GLY C 113 2.97 -20.32 -0.75
CA GLY C 113 1.85 -20.70 0.13
C GLY C 113 0.48 -20.27 -0.38
N LYS C 114 0.46 -19.69 -1.61
CA LYS C 114 -0.83 -19.38 -2.24
C LYS C 114 -1.05 -20.14 -3.55
N PRO C 115 -2.30 -20.69 -3.70
CA PRO C 115 -2.55 -21.67 -4.78
C PRO C 115 -2.96 -21.03 -6.10
N ARG C 116 -2.31 -21.52 -7.17
CA ARG C 116 -2.82 -21.24 -8.51
C ARG C 116 -3.98 -22.14 -8.87
N VAL C 117 -4.81 -21.72 -9.87
CA VAL C 117 -5.89 -22.62 -10.27
C VAL C 117 -5.36 -23.99 -10.64
N ARG C 118 -6.27 -24.95 -10.72
CA ARG C 118 -5.86 -26.27 -11.14
C ARG C 118 -5.85 -26.43 -12.63
N LYS C 119 -4.87 -27.19 -13.11
CA LYS C 119 -4.84 -27.50 -14.52
C LYS C 119 -4.63 -28.98 -14.77
N SER C 120 -4.99 -29.43 -15.98
CA SER C 120 -4.91 -30.88 -16.27
C SER C 120 -3.74 -31.23 -17.17
N LEU C 121 -3.08 -32.39 -16.87
CA LEU C 121 -1.89 -32.76 -17.64
C LEU C 121 -1.44 -34.23 -17.47
N LYS C 122 -1.30 -34.93 -18.62
CA LYS C 122 -0.79 -36.32 -18.62
C LYS C 122 -1.60 -37.28 -17.77
N LYS C 123 -2.92 -37.33 -18.07
CA LYS C 123 -3.79 -38.26 -17.37
C LYS C 123 -3.48 -39.71 -17.70
N GLY C 124 -3.03 -40.47 -16.68
CA GLY C 124 -2.83 -41.91 -16.90
C GLY C 124 -1.40 -42.28 -17.22
N TYR C 125 -0.58 -41.25 -17.50
CA TYR C 125 0.86 -41.49 -17.57
C TYR C 125 1.38 -42.07 -16.29
N THR C 126 2.57 -42.66 -16.36
CA THR C 126 3.24 -43.03 -15.13
C THR C 126 4.71 -42.75 -15.19
N VAL C 127 5.21 -42.15 -14.10
CA VAL C 127 6.54 -41.64 -14.13
C VAL C 127 7.59 -42.64 -13.71
N GLY C 128 8.70 -42.68 -14.50
CA GLY C 128 9.73 -43.70 -14.29
C GLY C 128 10.41 -43.61 -12.95
N ALA C 129 10.88 -44.76 -12.45
CA ALA C 129 11.52 -44.78 -11.12
C ALA C 129 13.05 -44.92 -11.21
N GLU C 130 13.53 -45.15 -12.46
CA GLU C 130 14.98 -45.12 -12.71
C GLU C 130 15.45 -43.78 -13.23
N ALA C 131 15.97 -42.92 -12.33
CA ALA C 131 16.06 -41.52 -12.71
C ALA C 131 17.33 -40.83 -12.30
N SER C 132 17.54 -39.67 -12.96
CA SER C 132 18.56 -38.74 -12.58
C SER C 132 17.97 -37.40 -12.16
N ILE C 133 18.18 -37.02 -10.87
CA ILE C 133 17.68 -35.71 -10.43
C ILE C 133 18.81 -34.70 -10.26
N ILE C 134 18.79 -33.63 -11.08
CA ILE C 134 19.89 -32.68 -10.95
C ILE C 134 19.47 -31.25 -10.59
N LEU C 135 20.29 -30.65 -9.67
CA LEU C 135 20.15 -29.24 -9.31
C LEU C 135 21.26 -28.40 -9.90
N GLY C 136 20.88 -27.24 -10.50
CA GLY C 136 21.93 -26.35 -11.03
C GLY C 136 22.05 -26.38 -12.55
N GLN C 137 21.51 -27.44 -13.15
CA GLN C 137 21.55 -27.52 -14.61
C GLN C 137 20.35 -28.23 -15.19
N GLU C 138 20.03 -27.89 -16.44
CA GLU C 138 18.98 -28.64 -17.13
C GLU C 138 19.50 -29.83 -17.88
N GLN C 139 18.73 -30.93 -17.88
CA GLN C 139 19.21 -32.14 -18.52
C GLN C 139 18.69 -32.30 -19.94
N ASP C 140 19.57 -32.78 -20.80
CA ASP C 140 19.13 -33.15 -22.14
C ASP C 140 19.48 -34.58 -22.44
N SER C 141 19.99 -35.24 -21.39
CA SER C 141 20.22 -36.67 -21.43
C SER C 141 20.43 -37.22 -20.05
N PHE C 142 19.99 -38.46 -19.84
CA PHE C 142 20.27 -39.10 -18.56
C PHE C 142 21.65 -38.75 -18.05
N GLY C 143 21.70 -37.76 -17.14
CA GLY C 143 22.97 -37.51 -16.42
C GLY C 143 23.79 -36.33 -16.94
N GLY C 144 23.34 -35.68 -18.04
CA GLY C 144 24.11 -34.50 -18.48
C GLY C 144 23.69 -33.91 -19.81
N ASN C 145 24.70 -33.42 -20.55
CA ASN C 145 24.43 -32.56 -21.70
C ASN C 145 23.84 -31.22 -21.30
N PHE C 146 24.55 -30.52 -20.37
CA PHE C 146 24.01 -29.24 -19.84
C PHE C 146 24.22 -28.05 -20.77
N GLU C 147 23.15 -27.26 -20.98
CA GLU C 147 22.89 -25.92 -21.54
C GLU C 147 23.39 -24.79 -20.73
N GLY C 148 24.41 -23.95 -20.93
CA GLY C 148 24.69 -22.91 -19.94
C GLY C 148 23.63 -21.85 -19.88
N SER C 149 22.95 -21.66 -21.01
CA SER C 149 21.91 -20.63 -21.06
C SER C 149 20.67 -21.01 -20.28
N GLN C 150 20.77 -22.17 -19.62
CA GLN C 150 19.71 -22.58 -18.69
C GLN C 150 20.22 -22.77 -17.28
N SER C 151 21.55 -22.56 -17.13
CA SER C 151 22.16 -22.54 -15.80
C SER C 151 21.37 -21.75 -14.78
N LEU C 152 21.37 -22.24 -13.52
CA LEU C 152 20.84 -21.42 -12.42
C LEU C 152 21.93 -20.81 -11.56
N VAL C 153 22.03 -19.48 -11.60
CA VAL C 153 22.93 -18.81 -10.68
C VAL C 153 22.21 -18.23 -9.48
N GLY C 154 22.66 -18.67 -8.28
CA GLY C 154 21.99 -18.29 -7.04
C GLY C 154 21.98 -19.42 -6.03
N ASP C 155 21.09 -19.29 -5.04
CA ASP C 155 20.96 -20.34 -4.03
C ASP C 155 19.75 -21.22 -4.26
N ILE C 156 19.88 -22.51 -3.89
CA ILE C 156 18.69 -23.35 -3.80
C ILE C 156 18.78 -24.34 -2.66
N GLY C 157 17.59 -24.62 -2.01
CA GLY C 157 17.60 -25.45 -0.80
C GLY C 157 16.21 -25.93 -0.35
N ASN C 158 16.18 -26.70 0.76
CA ASN C 158 14.91 -27.33 1.19
C ASN C 158 14.19 -28.08 0.09
N VAL C 159 14.90 -28.97 -0.62
CA VAL C 159 14.14 -29.79 -1.57
C VAL C 159 13.64 -31.10 -0.97
N ASN C 160 12.30 -31.31 -1.11
CA ASN C 160 11.67 -32.50 -0.51
C ASN C 160 10.65 -33.13 -1.45
N MET C 161 10.46 -34.46 -1.31
CA MET C 161 9.55 -35.15 -2.25
C MET C 161 8.67 -36.22 -1.61
N TRP C 162 7.40 -36.30 -2.07
CA TRP C 162 6.48 -37.32 -1.60
C TRP C 162 5.89 -38.17 -2.74
N ASP C 163 5.68 -39.50 -2.49
CA ASP C 163 5.12 -40.31 -3.56
C ASP C 163 3.61 -40.14 -3.71
N PHE C 164 3.03 -39.28 -2.83
CA PHE C 164 1.60 -38.98 -2.95
C PHE C 164 1.29 -37.49 -2.94
N VAL C 165 0.04 -37.16 -3.33
CA VAL C 165 -0.34 -35.75 -3.37
C VAL C 165 -0.60 -35.16 -1.99
N LEU C 166 0.04 -33.99 -1.75
CA LEU C 166 -0.09 -33.29 -0.45
C LEU C 166 -1.35 -32.43 -0.37
N SER C 167 -1.88 -32.28 0.87
CA SER C 167 -3.12 -31.50 1.05
C SER C 167 -2.86 -30.06 1.49
N PRO C 168 -3.86 -29.19 1.30
CA PRO C 168 -3.67 -27.76 1.56
C PRO C 168 -3.17 -27.47 2.97
N ASP C 169 -3.71 -28.24 3.94
CA ASP C 169 -3.18 -28.10 5.31
C ASP C 169 -1.72 -28.45 5.39
N GLU C 170 -1.35 -29.51 4.68
CA GLU C 170 0.01 -29.97 4.73
C GLU C 170 1.00 -29.05 4.06
N ILE C 171 0.68 -28.62 2.83
CA ILE C 171 1.51 -27.60 2.22
C ILE C 171 1.69 -26.38 3.13
N ASN C 172 0.59 -25.95 3.79
CA ASN C 172 0.72 -24.77 4.63
C ASN C 172 1.79 -24.92 5.69
N THR C 173 1.78 -26.10 6.37
CA THR C 173 2.77 -26.31 7.43
C THR C 173 4.17 -26.57 6.93
N ILE C 174 4.29 -27.03 5.66
CA ILE C 174 5.60 -26.99 5.03
C ILE C 174 6.06 -25.53 4.87
N TYR C 175 5.21 -24.73 4.22
CA TYR C 175 5.49 -23.31 4.03
C TYR C 175 5.86 -22.59 5.34
N LEU C 176 5.01 -22.81 6.39
CA LEU C 176 5.23 -22.18 7.70
C LEU C 176 6.48 -22.70 8.43
N GLY C 177 6.94 -23.90 8.04
CA GLY C 177 8.17 -24.43 8.62
C GLY C 177 7.92 -25.52 9.63
N GLY C 178 6.73 -26.15 9.55
CA GLY C 178 6.45 -27.26 10.46
C GLY C 178 7.20 -28.53 10.09
N PRO C 179 7.17 -29.53 11.02
CA PRO C 179 7.88 -30.77 10.72
C PRO C 179 7.13 -31.58 9.70
N PHE C 180 7.90 -32.30 8.93
CA PHE C 180 7.32 -33.21 7.98
C PHE C 180 8.12 -34.46 7.84
N SER C 181 7.46 -35.54 7.43
CA SER C 181 8.23 -36.65 6.90
C SER C 181 7.99 -36.88 5.44
N PRO C 182 9.03 -36.57 4.65
CA PRO C 182 8.95 -36.83 3.21
C PRO C 182 9.55 -38.18 2.89
N ASN C 183 8.99 -38.86 1.88
CA ASN C 183 9.34 -40.25 1.73
C ASN C 183 10.13 -40.62 0.46
N VAL C 184 10.39 -39.62 -0.41
CA VAL C 184 11.23 -39.90 -1.59
C VAL C 184 12.56 -39.13 -1.62
N LEU C 185 12.44 -37.79 -1.39
CA LEU C 185 13.59 -36.90 -1.16
C LEU C 185 13.43 -36.18 0.20
N ASN C 186 14.45 -36.29 1.11
CA ASN C 186 14.26 -35.67 2.46
C ASN C 186 15.45 -34.85 2.96
N TRP C 187 15.26 -33.49 2.93
CA TRP C 187 16.39 -32.54 3.14
C TRP C 187 17.18 -32.73 4.46
N ARG C 188 16.59 -33.46 5.45
CA ARG C 188 17.31 -33.72 6.73
C ARG C 188 18.09 -35.00 6.73
N ALA C 189 17.85 -35.82 5.71
CA ALA C 189 18.72 -36.95 5.48
C ALA C 189 18.94 -37.13 4.01
N LEU C 190 19.86 -36.31 3.49
CA LEU C 190 20.03 -36.21 2.06
C LEU C 190 21.25 -36.91 1.56
N LYS C 191 21.05 -37.68 0.49
CA LYS C 191 22.18 -38.34 -0.12
C LYS C 191 22.48 -37.73 -1.47
N TYR C 192 23.55 -36.92 -1.52
CA TYR C 192 23.80 -36.18 -2.76
C TYR C 192 25.23 -36.24 -3.23
N GLU C 193 25.40 -35.88 -4.51
CA GLU C 193 26.72 -35.83 -5.11
C GLU C 193 26.97 -34.50 -5.75
N VAL C 194 28.05 -33.82 -5.30
CA VAL C 194 28.23 -32.45 -5.72
C VAL C 194 29.44 -32.26 -6.62
N GLN C 195 29.24 -31.50 -7.73
CA GLN C 195 30.31 -31.38 -8.70
C GLN C 195 30.42 -30.01 -9.34
N GLY C 196 31.65 -29.46 -9.26
CA GLY C 196 31.93 -28.18 -9.91
C GLY C 196 32.23 -27.09 -8.91
N GLU C 197 31.95 -25.84 -9.31
CA GLU C 197 32.02 -24.76 -8.35
C GLU C 197 30.72 -24.46 -7.65
N VAL C 198 30.30 -25.39 -6.77
CA VAL C 198 29.17 -25.12 -5.89
C VAL C 198 29.55 -25.23 -4.42
N PHE C 199 29.08 -24.27 -3.60
CA PHE C 199 29.41 -24.37 -2.17
C PHE C 199 28.21 -24.61 -1.29
N THR C 200 28.48 -24.80 0.02
CA THR C 200 27.39 -25.00 0.94
C THR C 200 27.38 -24.03 2.10
N LYS C 201 26.32 -23.17 2.13
CA LYS C 201 26.31 -22.06 3.08
C LYS C 201 24.99 -21.89 3.80
N PRO C 202 25.03 -21.12 4.91
CA PRO C 202 23.79 -20.87 5.64
C PRO C 202 22.78 -20.14 4.77
N GLN C 203 21.49 -20.52 4.92
CA GLN C 203 20.48 -20.02 3.98
C GLN C 203 20.04 -18.58 4.27
N LEU C 204 19.82 -17.82 3.17
CA LEU C 204 19.44 -16.40 3.29
C LEU C 204 17.96 -16.20 3.58
N TRP C 205 17.15 -17.21 3.26
CA TRP C 205 15.78 -17.13 3.66
C TRP C 205 15.53 -17.69 5.04
N PRO C 206 14.39 -17.30 5.61
CA PRO C 206 14.10 -17.70 6.99
C PRO C 206 13.62 -19.15 7.04
N GLN D 1 41.27 5.97 21.74
CA GLN D 1 39.97 5.34 21.55
C GLN D 1 38.84 6.17 22.07
N THR D 2 37.80 6.32 21.22
CA THR D 2 36.69 7.17 21.58
C THR D 2 35.33 6.57 21.24
N ASP D 3 34.43 6.60 22.25
CA ASP D 3 33.05 6.22 22.03
C ASP D 3 32.31 7.24 21.20
N MET D 4 31.96 6.84 19.97
CA MET D 4 31.17 7.73 19.12
C MET D 4 29.72 7.30 19.03
N SER D 5 29.31 6.48 20.00
CA SER D 5 27.91 6.06 20.05
C SER D 5 26.95 7.21 19.84
N ARG D 6 26.02 7.04 18.87
CA ARG D 6 24.96 8.05 18.63
C ARG D 6 25.40 9.25 17.84
N LYS D 7 26.70 9.32 17.54
CA LYS D 7 27.16 10.44 16.73
C LYS D 7 27.46 10.07 15.31
N ALA D 8 27.80 11.08 14.50
CA ALA D 8 28.16 10.83 13.10
C ALA D 8 29.11 11.89 12.60
N PHE D 9 29.87 11.55 11.54
CA PHE D 9 30.65 12.60 10.85
C PHE D 9 29.85 13.22 9.73
N VAL D 10 29.88 14.55 9.61
CA VAL D 10 29.16 15.11 8.47
C VAL D 10 30.01 15.96 7.53
N PHE D 11 29.81 15.69 6.23
CA PHE D 11 30.50 16.45 5.19
C PHE D 11 29.54 17.31 4.38
N PRO D 12 29.51 18.62 4.70
CA PRO D 12 28.35 19.43 4.28
C PRO D 12 28.44 19.96 2.86
N LYS D 13 29.68 20.19 2.37
CA LYS D 13 29.73 20.56 0.95
C LYS D 13 30.86 19.87 0.21
N GLU D 14 30.68 19.73 -1.12
CA GLU D 14 31.74 19.12 -1.94
C GLU D 14 33.11 19.69 -1.65
N SER D 15 34.14 18.82 -1.66
CA SER D 15 35.51 19.31 -1.38
C SER D 15 36.61 18.37 -1.85
N ASP D 16 37.88 18.79 -1.59
CA ASP D 16 39.03 18.04 -2.13
C ASP D 16 40.03 17.59 -1.06
N THR D 17 39.68 18.13 0.13
CA THR D 17 40.63 18.22 1.25
C THR D 17 40.04 17.68 2.56
N SER D 18 38.69 17.53 2.59
CA SER D 18 38.05 17.05 3.82
C SER D 18 37.97 15.54 3.88
N TYR D 19 38.37 14.98 5.04
CA TYR D 19 38.25 13.53 5.22
C TYR D 19 38.57 13.05 6.61
N VAL D 20 38.04 11.85 6.95
CA VAL D 20 38.44 11.24 8.20
C VAL D 20 39.29 10.00 7.99
N SER D 21 40.36 9.88 8.79
CA SER D 21 41.25 8.74 8.63
C SER D 21 41.19 7.78 9.80
N LEU D 22 40.58 6.58 9.55
CA LEU D 22 40.49 5.55 10.59
C LEU D 22 41.78 4.76 10.78
N LYS D 23 42.23 4.60 12.05
CA LYS D 23 43.38 3.73 12.26
C LYS D 23 43.00 2.35 12.78
N ALA D 24 43.47 1.30 12.05
CA ALA D 24 43.19 -0.09 12.48
C ALA D 24 44.46 -0.78 12.96
N PRO D 25 44.27 -1.77 13.85
CA PRO D 25 45.42 -2.36 14.57
C PRO D 25 45.99 -3.58 13.86
N LEU D 26 45.54 -3.78 12.62
CA LEU D 26 45.98 -4.97 11.90
C LEU D 26 47.44 -5.34 12.15
N THR D 27 47.69 -6.68 12.24
CA THR D 27 49.07 -7.18 12.12
C THR D 27 49.17 -8.30 11.09
N LYS D 28 48.15 -9.17 11.09
CA LYS D 28 48.08 -10.20 10.07
C LYS D 28 47.21 -9.81 8.90
N PRO D 29 47.59 -10.29 7.69
CA PRO D 29 46.78 -10.00 6.49
C PRO D 29 45.40 -10.66 6.58
N LEU D 30 44.41 -10.00 5.94
CA LEU D 30 43.02 -10.49 5.99
C LEU D 30 42.76 -11.62 5.01
N LYS D 31 42.11 -12.70 5.50
CA LYS D 31 41.62 -13.73 4.60
C LYS D 31 40.10 -13.77 4.54
N ALA D 32 39.50 -12.84 5.31
CA ALA D 32 38.05 -12.58 5.20
C ALA D 32 37.66 -11.39 6.06
N PHE D 33 36.54 -10.75 5.69
CA PHE D 33 36.05 -9.65 6.53
C PHE D 33 34.59 -9.34 6.38
N THR D 34 34.04 -8.66 7.41
CA THR D 34 32.80 -7.94 7.22
C THR D 34 32.91 -6.48 7.54
N VAL D 35 32.25 -5.65 6.73
CA VAL D 35 32.15 -4.27 7.09
C VAL D 35 30.74 -3.74 6.97
N CYS D 36 30.33 -2.98 8.00
CA CYS D 36 28.99 -2.41 7.97
C CYS D 36 28.99 -0.92 8.25
N LEU D 37 28.00 -0.21 7.65
CA LEU D 37 27.86 1.17 8.05
C LEU D 37 26.56 1.84 7.66
N HIS D 38 26.36 3.06 8.21
CA HIS D 38 25.19 3.90 7.87
C HIS D 38 25.61 5.16 7.10
N PHE D 39 24.90 5.47 6.00
CA PHE D 39 25.11 6.80 5.40
C PHE D 39 23.86 7.45 4.82
N TYR D 40 23.93 8.78 4.65
CA TYR D 40 22.76 9.55 4.16
C TYR D 40 23.18 10.70 3.23
N THR D 41 22.69 10.65 1.98
CA THR D 41 23.04 11.70 1.01
C THR D 41 22.05 11.80 -0.13
N GLU D 42 22.10 12.96 -0.83
CA GLU D 42 21.24 13.16 -2.01
C GLU D 42 21.98 13.02 -3.31
N LEU D 43 23.29 12.75 -3.21
CA LEU D 43 24.12 12.70 -4.41
C LEU D 43 23.62 11.72 -5.46
N SER D 44 22.93 10.70 -4.97
CA SER D 44 22.84 9.41 -5.71
C SER D 44 22.37 9.53 -7.16
N SER D 45 21.45 10.46 -7.42
CA SER D 45 20.96 10.58 -8.80
C SER D 45 21.51 11.79 -9.53
N THR D 46 22.68 12.28 -9.07
CA THR D 46 23.37 13.30 -9.86
C THR D 46 24.80 12.88 -10.25
N ARG D 47 25.57 12.35 -9.26
CA ARG D 47 26.83 11.68 -9.61
C ARG D 47 27.15 10.48 -8.76
N GLY D 48 28.48 10.30 -8.49
CA GLY D 48 28.90 9.11 -7.73
C GLY D 48 29.95 9.44 -6.68
N TYR D 49 30.03 8.59 -5.64
CA TYR D 49 30.97 8.85 -4.56
C TYR D 49 31.56 7.59 -3.96
N SER D 50 32.56 7.78 -3.07
CA SER D 50 33.13 6.63 -2.33
C SER D 50 32.57 6.53 -0.92
N ILE D 51 32.07 5.33 -0.58
CA ILE D 51 31.45 5.14 0.71
C ILE D 51 32.45 4.64 1.78
N PHE D 52 33.34 3.71 1.34
CA PHE D 52 34.46 3.22 2.20
C PHE D 52 35.72 2.88 1.38
N SER D 53 36.91 3.35 1.85
CA SER D 53 38.11 3.21 1.00
C SER D 53 39.27 2.56 1.74
N TYR D 54 39.74 1.40 1.17
CA TYR D 54 40.85 0.66 1.80
C TYR D 54 42.06 0.50 0.86
N ALA D 55 43.26 0.97 1.33
CA ALA D 55 44.43 1.09 0.41
C ALA D 55 45.77 0.73 1.08
N THR D 56 46.54 -0.05 0.29
CA THR D 56 47.93 -0.34 0.64
C THR D 56 48.90 0.39 -0.30
N LYS D 57 50.18 0.56 0.13
CA LYS D 57 51.11 1.28 -0.76
C LYS D 57 51.31 0.59 -2.08
N ARG D 58 50.70 -0.62 -2.20
CA ARG D 58 50.85 -1.38 -3.44
C ARG D 58 49.61 -1.44 -4.28
N GLN D 59 48.44 -1.22 -3.62
CA GLN D 59 47.18 -1.16 -4.33
C GLN D 59 46.22 -0.18 -3.67
N ASP D 60 45.60 0.69 -4.52
CA ASP D 60 44.81 1.78 -3.96
C ASP D 60 43.30 1.49 -3.87
N ASN D 61 42.87 0.42 -4.58
CA ASN D 61 41.49 -0.05 -4.41
C ASN D 61 41.43 -1.46 -3.84
N GLU D 62 42.11 -1.64 -2.68
CA GLU D 62 42.20 -2.99 -2.11
C GLU D 62 40.85 -3.53 -1.70
N ILE D 63 40.20 -2.84 -0.75
CA ILE D 63 38.75 -2.93 -0.68
C ILE D 63 38.12 -1.56 -0.78
N LEU D 64 37.05 -1.50 -1.57
CA LEU D 64 36.39 -0.24 -1.83
C LEU D 64 34.92 -0.41 -2.13
N ILE D 65 34.08 0.29 -1.34
CA ILE D 65 32.69 0.37 -1.69
C ILE D 65 32.32 1.74 -2.26
N PHE D 66 31.43 1.72 -3.27
CA PHE D 66 31.27 2.90 -4.14
C PHE D 66 29.92 2.90 -4.82
N TRP D 67 29.25 4.06 -4.81
CA TRP D 67 28.05 4.18 -5.63
C TRP D 67 28.36 4.83 -6.96
N SER D 68 27.89 4.20 -8.04
CA SER D 68 28.06 4.82 -9.34
C SER D 68 26.76 4.99 -10.08
N LYS D 69 26.66 6.14 -10.77
CA LYS D 69 25.39 6.65 -11.26
C LYS D 69 24.77 5.79 -12.34
N ASP D 70 23.43 5.71 -12.32
CA ASP D 70 22.74 4.99 -13.38
C ASP D 70 23.03 3.48 -13.39
N ILE D 71 23.85 3.04 -12.43
CA ILE D 71 24.12 1.61 -12.33
C ILE D 71 23.68 1.02 -11.00
N GLY D 72 24.43 1.37 -9.94
CA GLY D 72 24.15 0.81 -8.62
C GLY D 72 25.38 0.79 -7.73
N TYR D 73 25.40 -0.15 -6.77
CA TYR D 73 26.58 -0.30 -5.93
C TYR D 73 27.71 -0.98 -6.64
N SER D 74 28.95 -0.68 -6.20
CA SER D 74 30.12 -1.31 -6.81
C SER D 74 31.15 -1.73 -5.81
N PHE D 75 31.19 -3.06 -5.54
CA PHE D 75 32.15 -3.60 -4.57
C PHE D 75 33.40 -4.15 -5.24
N THR D 76 34.56 -3.82 -4.66
CA THR D 76 35.79 -4.35 -5.21
C THR D 76 36.85 -4.63 -4.18
N VAL D 77 37.44 -5.83 -4.28
CA VAL D 77 38.67 -6.10 -3.56
C VAL D 77 39.83 -6.46 -4.50
N GLY D 78 41.07 -6.12 -4.06
CA GLY D 78 42.25 -6.49 -4.86
C GLY D 78 42.23 -5.95 -6.29
N GLY D 79 41.51 -4.81 -6.48
CA GLY D 79 41.53 -4.15 -7.79
C GLY D 79 40.42 -4.61 -8.72
N SER D 80 39.77 -5.73 -8.35
CA SER D 80 38.73 -6.28 -9.21
C SER D 80 37.34 -5.93 -8.76
N GLU D 81 36.45 -5.70 -9.75
CA GLU D 81 35.18 -5.05 -9.46
C GLU D 81 33.98 -5.95 -9.65
N ILE D 82 32.96 -5.74 -8.79
CA ILE D 82 31.69 -6.44 -8.97
C ILE D 82 30.51 -5.48 -8.75
N LEU D 83 29.36 -5.84 -9.35
CA LEU D 83 28.21 -4.92 -9.40
C LEU D 83 26.94 -5.48 -8.73
N PHE D 84 26.28 -4.61 -7.91
CA PHE D 84 24.87 -4.86 -7.57
C PHE D 84 23.96 -3.75 -8.02
N GLU D 85 23.23 -4.00 -9.11
CA GLU D 85 22.45 -2.91 -9.72
C GLU D 85 21.25 -2.50 -8.92
N VAL D 86 21.02 -1.17 -8.86
CA VAL D 86 19.78 -0.67 -8.28
C VAL D 86 18.99 0.18 -9.30
N PRO D 87 17.75 -0.27 -9.59
CA PRO D 87 16.97 0.37 -10.67
C PRO D 87 16.23 1.59 -10.19
N GLU D 88 15.52 1.38 -9.07
CA GLU D 88 14.80 2.44 -8.39
C GLU D 88 15.65 3.08 -7.32
N VAL D 89 15.83 4.42 -7.38
CA VAL D 89 16.60 5.07 -6.32
C VAL D 89 15.76 5.99 -5.47
N THR D 90 16.04 5.96 -4.15
CA THR D 90 15.22 6.72 -3.23
C THR D 90 15.98 7.33 -2.09
N VAL D 91 15.48 8.48 -1.61
CA VAL D 91 16.22 9.20 -0.62
C VAL D 91 15.80 8.90 0.80
N ALA D 92 16.74 8.30 1.53
CA ALA D 92 16.59 8.04 2.96
C ALA D 92 17.90 7.52 3.45
N PRO D 93 18.08 7.45 4.77
CA PRO D 93 19.34 6.88 5.23
C PRO D 93 19.43 5.40 4.89
N VAL D 94 20.67 4.91 4.71
CA VAL D 94 20.84 3.51 4.36
C VAL D 94 21.88 2.77 5.17
N HIS D 95 21.51 1.55 5.62
CA HIS D 95 22.49 0.68 6.31
C HIS D 95 22.94 -0.46 5.41
N ILE D 96 24.29 -0.59 5.23
CA ILE D 96 24.77 -1.76 4.49
C ILE D 96 25.78 -2.59 5.28
N CYS D 97 25.69 -3.91 5.09
CA CYS D 97 26.80 -4.78 5.46
C CYS D 97 27.37 -5.49 4.22
N THR D 98 28.70 -5.71 4.24
CA THR D 98 29.33 -6.34 3.09
C THR D 98 30.48 -7.25 3.48
N SER D 99 30.42 -8.52 3.02
CA SER D 99 31.48 -9.46 3.45
C SER D 99 32.10 -10.28 2.33
N TRP D 100 33.39 -10.68 2.56
CA TRP D 100 34.14 -11.44 1.57
C TRP D 100 35.00 -12.55 2.20
N GLU D 101 34.96 -13.77 1.61
CA GLU D 101 35.78 -14.87 2.14
C GLU D 101 36.69 -15.51 1.12
N SER D 102 38.02 -15.40 1.36
CA SER D 102 38.98 -15.94 0.39
C SER D 102 38.62 -17.30 -0.14
N ALA D 103 38.70 -18.32 0.75
CA ALA D 103 38.61 -19.73 0.30
C ALA D 103 37.56 -19.97 -0.76
N SER D 104 36.34 -19.47 -0.49
CA SER D 104 35.23 -19.66 -1.46
C SER D 104 35.11 -18.51 -2.44
N GLY D 105 35.65 -17.35 -2.03
CA GLY D 105 35.56 -16.19 -2.92
C GLY D 105 34.15 -15.69 -3.06
N ILE D 106 33.32 -16.03 -2.07
CA ILE D 106 31.94 -15.56 -2.11
C ILE D 106 31.78 -14.22 -1.43
N VAL D 107 31.11 -13.28 -2.11
CA VAL D 107 30.76 -12.05 -1.42
C VAL D 107 29.26 -11.90 -1.20
N GLU D 108 28.90 -11.48 0.03
CA GLU D 108 27.51 -11.15 0.35
C GLU D 108 27.29 -9.65 0.46
N PHE D 109 26.12 -9.17 -0.03
CA PHE D 109 25.86 -7.72 0.06
C PHE D 109 24.48 -7.39 0.64
N TRP D 110 24.48 -6.91 1.91
CA TRP D 110 23.22 -6.69 2.62
C TRP D 110 22.77 -5.23 2.59
N VAL D 111 21.54 -4.99 2.09
CA VAL D 111 21.04 -3.62 2.10
C VAL D 111 19.77 -3.45 2.96
N ASP D 112 19.95 -2.78 4.13
CA ASP D 112 18.86 -2.67 5.13
C ASP D 112 18.38 -4.02 5.65
N GLY D 113 19.33 -4.91 5.98
CA GLY D 113 18.94 -6.17 6.63
C GLY D 113 18.29 -7.16 5.68
N LYS D 114 18.26 -6.81 4.38
CA LYS D 114 17.92 -7.80 3.36
C LYS D 114 19.11 -8.10 2.45
N PRO D 115 19.28 -9.39 2.09
CA PRO D 115 20.50 -9.79 1.39
C PRO D 115 20.29 -9.92 -0.10
N ARG D 116 21.34 -9.54 -0.85
CA ARG D 116 21.37 -9.85 -2.27
C ARG D 116 21.94 -11.23 -2.55
N VAL D 117 21.48 -11.80 -3.67
CA VAL D 117 22.14 -12.96 -4.22
C VAL D 117 23.66 -12.93 -4.02
N ARG D 118 24.25 -14.14 -3.91
CA ARG D 118 25.70 -14.23 -3.71
C ARG D 118 26.49 -14.14 -4.99
N LYS D 119 27.73 -13.64 -4.89
CA LYS D 119 28.57 -13.62 -6.06
C LYS D 119 30.01 -14.01 -5.77
N SER D 120 30.78 -14.24 -6.85
CA SER D 120 32.17 -14.68 -6.66
C SER D 120 33.17 -13.60 -6.96
N LEU D 121 34.23 -13.51 -6.12
CA LEU D 121 35.27 -12.50 -6.38
C LEU D 121 36.61 -12.81 -5.73
N LYS D 122 37.67 -12.79 -6.57
CA LYS D 122 39.05 -13.01 -6.09
C LYS D 122 39.19 -14.10 -5.05
N LYS D 123 38.71 -15.29 -5.43
CA LYS D 123 39.03 -16.49 -4.68
C LYS D 123 40.53 -16.59 -4.38
N GLY D 124 40.88 -16.82 -3.10
CA GLY D 124 42.27 -17.17 -2.77
C GLY D 124 43.18 -15.98 -2.48
N TYR D 125 42.67 -14.77 -2.77
CA TYR D 125 43.43 -13.55 -2.41
C TYR D 125 43.63 -13.44 -0.91
N THR D 126 44.69 -12.68 -0.52
CA THR D 126 44.74 -12.21 0.84
C THR D 126 45.03 -10.72 0.93
N VAL D 127 44.16 -10.04 1.70
CA VAL D 127 44.20 -8.59 1.74
C VAL D 127 45.25 -8.06 2.72
N GLY D 128 45.91 -6.94 2.33
CA GLY D 128 47.10 -6.45 3.08
C GLY D 128 46.77 -5.78 4.39
N ALA D 129 47.73 -5.87 5.35
CA ALA D 129 47.46 -5.43 6.73
C ALA D 129 47.86 -3.99 6.99
N GLU D 130 48.92 -3.53 6.32
CA GLU D 130 49.25 -2.11 6.43
C GLU D 130 48.48 -1.27 5.45
N ALA D 131 47.55 -0.46 6.01
CA ALA D 131 46.48 0.09 5.18
C ALA D 131 46.15 1.52 5.50
N SER D 132 45.47 2.15 4.55
CA SER D 132 44.92 3.46 4.77
C SER D 132 43.41 3.47 4.59
N ILE D 133 42.68 3.52 5.72
CA ILE D 133 41.23 3.57 5.64
C ILE D 133 40.69 4.98 5.74
N ILE D 134 39.80 5.34 4.78
CA ILE D 134 39.43 6.74 4.65
C ILE D 134 37.95 6.97 4.29
N LEU D 135 37.28 7.81 5.14
CA LEU D 135 35.91 8.25 4.88
C LEU D 135 35.85 9.58 4.13
N GLY D 136 34.87 9.71 3.21
CA GLY D 136 34.68 11.02 2.59
C GLY D 136 35.35 11.17 1.22
N GLN D 137 36.66 10.82 1.16
CA GLN D 137 37.35 10.88 -0.15
C GLN D 137 37.70 9.49 -0.69
N GLU D 138 37.94 9.43 -2.04
CA GLU D 138 38.50 8.21 -2.66
C GLU D 138 39.99 8.30 -2.85
N GLN D 139 40.72 7.24 -2.43
CA GLN D 139 42.18 7.26 -2.63
C GLN D 139 42.61 6.72 -3.99
N ASP D 140 43.51 7.48 -4.67
CA ASP D 140 44.25 6.91 -5.82
C ASP D 140 45.70 6.72 -5.50
N SER D 141 45.99 6.87 -4.20
CA SER D 141 47.31 6.53 -3.67
C SER D 141 47.25 6.37 -2.18
N PHE D 142 48.15 5.54 -1.63
CA PHE D 142 48.24 5.52 -0.17
C PHE D 142 48.07 6.91 0.39
N GLY D 143 47.02 7.07 1.21
CA GLY D 143 46.87 8.32 1.92
C GLY D 143 46.27 9.48 1.11
N GLY D 144 46.33 9.39 -0.25
CA GLY D 144 45.95 10.61 -1.01
C GLY D 144 45.51 10.44 -2.46
N ASN D 145 45.73 11.54 -3.22
CA ASN D 145 45.23 11.64 -4.59
C ASN D 145 43.75 11.59 -4.70
N PHE D 146 43.09 12.41 -3.87
CA PHE D 146 41.65 12.49 -3.90
C PHE D 146 41.09 13.09 -5.17
N GLU D 147 39.81 12.73 -5.47
CA GLU D 147 39.08 13.36 -6.59
C GLU D 147 37.80 14.01 -6.14
N GLY D 148 37.75 15.36 -6.25
CA GLY D 148 36.57 16.09 -5.78
C GLY D 148 35.26 15.52 -6.31
N SER D 149 35.34 14.91 -7.51
CA SER D 149 34.11 14.39 -8.14
C SER D 149 33.68 13.05 -7.57
N GLN D 150 34.49 12.52 -6.63
CA GLN D 150 34.12 11.26 -6.00
C GLN D 150 33.78 11.46 -4.52
N SER D 151 33.52 12.74 -4.15
CA SER D 151 33.32 13.10 -2.73
C SER D 151 31.97 12.66 -2.16
N LEU D 152 32.01 12.29 -0.85
CA LEU D 152 30.76 12.10 -0.11
C LEU D 152 30.23 13.41 0.46
N VAL D 153 28.98 13.75 0.09
CA VAL D 153 28.36 14.93 0.67
C VAL D 153 27.08 14.63 1.43
N GLY D 154 27.19 14.67 2.78
CA GLY D 154 26.12 14.18 3.68
C GLY D 154 26.75 13.69 4.96
N ASP D 155 26.02 12.87 5.76
CA ASP D 155 26.77 12.22 6.86
C ASP D 155 26.92 10.72 6.73
N ILE D 156 27.92 10.20 7.46
CA ILE D 156 28.22 8.76 7.48
C ILE D 156 28.62 8.33 8.89
N GLY D 157 28.11 7.15 9.35
CA GLY D 157 28.39 6.76 10.75
C GLY D 157 28.19 5.28 11.02
N ASN D 158 28.52 4.89 12.25
CA ASN D 158 28.37 3.48 12.63
C ASN D 158 29.29 2.52 11.92
N VAL D 159 30.49 2.99 11.48
CA VAL D 159 31.35 2.03 10.80
C VAL D 159 31.99 1.05 11.77
N ASN D 160 31.64 -0.24 11.59
CA ASN D 160 32.33 -1.32 12.28
C ASN D 160 32.89 -2.33 11.30
N MET D 161 33.97 -3.02 11.70
CA MET D 161 34.58 -3.99 10.79
C MET D 161 35.18 -5.20 11.51
N TRP D 162 34.66 -6.41 11.16
CA TRP D 162 35.26 -7.65 11.70
C TRP D 162 36.23 -8.32 10.71
N ASP D 163 37.10 -9.22 11.24
CA ASP D 163 38.00 -9.95 10.33
C ASP D 163 37.55 -11.38 10.06
N PHE D 164 36.23 -11.62 10.23
CA PHE D 164 35.64 -12.85 9.74
C PHE D 164 34.24 -12.63 9.18
N VAL D 165 33.53 -13.74 8.86
CA VAL D 165 32.28 -13.52 8.14
C VAL D 165 31.02 -13.72 8.97
N LEU D 166 30.30 -12.57 9.14
CA LEU D 166 29.05 -12.55 9.90
C LEU D 166 27.97 -13.43 9.31
N SER D 167 27.26 -14.15 10.20
CA SER D 167 26.12 -14.95 9.74
C SER D 167 24.84 -14.13 9.68
N PRO D 168 23.83 -14.67 8.97
CA PRO D 168 22.60 -13.90 8.76
C PRO D 168 21.94 -13.45 10.06
N ASP D 169 22.12 -14.27 11.12
CA ASP D 169 21.60 -13.85 12.43
C ASP D 169 22.29 -12.61 12.96
N GLU D 170 23.63 -12.66 12.89
CA GLU D 170 24.43 -11.58 13.44
C GLU D 170 24.28 -10.29 12.69
N ILE D 171 23.99 -10.39 11.39
CA ILE D 171 23.75 -9.20 10.65
C ILE D 171 22.37 -8.65 10.94
N ASN D 172 21.46 -9.53 11.40
CA ASN D 172 20.18 -9.02 11.85
C ASN D 172 20.28 -8.25 13.15
N THR D 173 21.15 -8.73 14.07
CA THR D 173 21.23 -8.03 15.33
C THR D 173 22.04 -6.74 15.28
N ILE D 174 23.05 -6.67 14.37
CA ILE D 174 23.64 -5.34 14.15
C ILE D 174 22.61 -4.38 13.56
N TYR D 175 21.93 -4.84 12.47
CA TYR D 175 20.89 -4.01 11.85
C TYR D 175 19.89 -3.46 12.85
N LEU D 176 19.51 -4.31 13.84
CA LEU D 176 18.47 -3.90 14.76
C LEU D 176 18.98 -3.15 15.97
N GLY D 177 20.32 -3.03 16.08
CA GLY D 177 20.88 -2.22 17.15
C GLY D 177 21.43 -3.05 18.27
N GLY D 178 21.28 -4.37 18.11
CA GLY D 178 21.81 -5.29 19.13
C GLY D 178 23.30 -5.16 19.30
N PRO D 179 23.80 -5.69 20.44
CA PRO D 179 25.24 -5.61 20.67
C PRO D 179 25.99 -6.62 19.85
N PHE D 180 27.10 -6.16 19.34
CA PHE D 180 28.04 -7.05 18.68
C PHE D 180 29.43 -6.86 19.25
N SER D 181 30.45 -7.40 18.57
CA SER D 181 31.78 -7.02 18.99
C SER D 181 32.81 -7.08 17.88
N PRO D 182 33.09 -5.90 17.31
CA PRO D 182 34.09 -5.82 16.24
C PRO D 182 35.50 -6.12 16.75
N ASN D 183 36.37 -6.60 15.84
CA ASN D 183 37.76 -6.79 16.26
C ASN D 183 38.78 -6.05 15.41
N VAL D 184 38.31 -5.46 14.29
CA VAL D 184 39.20 -4.58 13.53
C VAL D 184 38.87 -3.08 13.70
N LEU D 185 37.56 -2.75 13.65
CA LEU D 185 37.12 -1.35 13.76
C LEU D 185 35.90 -1.22 14.68
N ASN D 186 36.07 -0.51 15.82
CA ASN D 186 34.91 -0.39 16.73
C ASN D 186 34.49 1.06 16.98
N TRP D 187 33.21 1.35 16.58
CA TRP D 187 32.65 2.69 16.75
C TRP D 187 32.64 3.18 18.20
N ARG D 188 32.59 2.22 19.15
CA ARG D 188 32.61 2.58 20.57
C ARG D 188 34.01 2.81 21.11
N ALA D 189 35.02 2.62 20.23
CA ALA D 189 36.44 2.79 20.66
C ALA D 189 37.30 3.31 19.52
N LEU D 190 36.70 4.21 18.74
CA LEU D 190 37.37 4.64 17.51
C LEU D 190 38.68 5.36 17.76
N LYS D 191 39.61 5.20 16.81
CA LYS D 191 40.84 5.96 16.83
C LYS D 191 41.08 6.66 15.52
N TYR D 192 40.65 7.93 15.45
CA TYR D 192 40.60 8.52 14.10
C TYR D 192 41.32 9.85 14.01
N GLU D 193 41.43 10.35 12.76
CA GLU D 193 42.04 11.66 12.56
C GLU D 193 41.31 12.50 11.55
N VAL D 194 40.93 13.74 11.96
CA VAL D 194 40.10 14.55 11.07
C VAL D 194 40.89 15.64 10.32
N GLN D 195 40.28 16.09 9.21
CA GLN D 195 40.89 17.17 8.45
C GLN D 195 39.92 17.86 7.51
N GLY D 196 40.01 19.20 7.50
CA GLY D 196 39.12 19.97 6.65
C GLY D 196 37.78 20.22 7.28
N GLU D 197 36.78 20.49 6.42
CA GLU D 197 35.44 20.74 6.92
C GLU D 197 34.64 19.49 7.18
N VAL D 198 34.86 18.88 8.37
CA VAL D 198 33.95 17.82 8.78
C VAL D 198 33.55 17.92 10.23
N PHE D 199 32.23 17.83 10.47
CA PHE D 199 31.73 18.02 11.83
C PHE D 199 31.24 16.75 12.48
N THR D 200 31.24 16.77 13.82
CA THR D 200 30.64 15.67 14.53
C THR D 200 29.35 16.05 15.20
N LYS D 201 28.26 15.39 14.76
CA LYS D 201 26.96 15.74 15.30
C LYS D 201 26.10 14.52 15.58
N PRO D 202 24.96 14.76 16.21
CA PRO D 202 24.04 13.67 16.43
C PRO D 202 23.56 13.06 15.11
N GLN D 203 23.16 11.78 15.21
CA GLN D 203 22.82 11.04 13.99
C GLN D 203 21.35 11.16 13.64
N LEU D 204 21.09 11.24 12.32
CA LEU D 204 19.72 11.39 11.84
C LEU D 204 18.98 10.08 11.70
N TRP D 205 19.73 8.96 11.90
CA TRP D 205 19.04 7.71 11.92
C TRP D 205 18.90 7.13 13.28
N PRO D 206 17.77 6.42 13.44
CA PRO D 206 17.50 5.69 14.67
C PRO D 206 18.69 4.87 15.10
N GLN E 1 0.91 37.66 26.41
CA GLN E 1 0.89 36.67 27.46
C GLN E 1 -0.29 35.75 27.34
N THR E 2 -0.40 35.07 26.18
CA THR E 2 -1.58 34.21 26.00
C THR E 2 -1.27 32.77 25.63
N ASP E 3 -2.09 31.86 26.22
CA ASP E 3 -2.01 30.41 25.88
C ASP E 3 -2.94 30.02 24.72
N MET E 4 -2.34 29.68 23.55
CA MET E 4 -3.17 29.47 22.34
C MET E 4 -3.51 28.01 22.06
N SER E 5 -3.42 27.17 23.13
CA SER E 5 -3.46 25.70 22.95
C SER E 5 -4.74 25.19 22.29
N ARG E 6 -4.57 24.17 21.42
CA ARG E 6 -5.72 23.59 20.69
C ARG E 6 -6.37 24.54 19.71
N LYS E 7 -5.68 25.66 19.44
CA LYS E 7 -6.28 26.67 18.56
C LYS E 7 -5.37 27.11 17.45
N ALA E 8 -5.97 27.61 16.35
CA ALA E 8 -5.15 28.08 15.23
C ALA E 8 -5.70 29.36 14.63
N PHE E 9 -4.77 30.19 14.10
CA PHE E 9 -5.23 31.30 13.25
C PHE E 9 -5.69 30.81 11.91
N VAL E 10 -6.85 31.32 11.44
CA VAL E 10 -7.34 30.82 10.16
C VAL E 10 -7.61 31.93 9.13
N PHE E 11 -7.06 31.72 7.89
CA PHE E 11 -7.20 32.75 6.82
C PHE E 11 -8.12 32.31 5.67
N PRO E 12 -9.41 32.69 5.76
CA PRO E 12 -10.40 32.07 4.85
C PRO E 12 -10.24 32.46 3.38
N LYS E 13 -9.78 33.70 3.12
CA LYS E 13 -9.60 34.03 1.69
C LYS E 13 -8.37 34.85 1.36
N GLU E 14 -8.12 34.96 0.03
CA GLU E 14 -6.92 35.63 -0.47
C GLU E 14 -6.96 37.11 -0.29
N SER E 15 -5.83 37.68 0.18
CA SER E 15 -5.85 39.11 0.49
C SER E 15 -4.50 39.78 0.59
N ASP E 16 -4.57 41.12 0.55
CA ASP E 16 -3.39 41.96 0.63
C ASP E 16 -3.08 42.36 2.06
N THR E 17 -4.07 42.17 2.94
CA THR E 17 -4.18 43.02 4.12
C THR E 17 -4.26 42.25 5.42
N SER E 18 -4.79 41.03 5.33
CA SER E 18 -4.92 40.21 6.53
C SER E 18 -3.60 39.61 6.96
N TYR E 19 -3.31 39.71 8.29
CA TYR E 19 -2.07 39.11 8.79
C TYR E 19 -1.94 39.16 10.30
N VAL E 20 -0.96 38.38 10.81
CA VAL E 20 -0.70 38.41 12.24
C VAL E 20 0.73 38.82 12.56
N SER E 21 0.85 39.78 13.50
CA SER E 21 2.20 40.10 13.99
C SER E 21 2.51 39.42 15.33
N LEU E 22 3.63 38.63 15.31
CA LEU E 22 4.18 37.99 16.53
C LEU E 22 5.29 38.81 17.20
N LYS E 23 5.17 39.04 18.54
CA LYS E 23 6.19 39.87 19.21
C LYS E 23 7.23 39.08 20.01
N ALA E 24 8.52 39.22 19.59
CA ALA E 24 9.59 38.40 20.23
C ALA E 24 10.46 39.20 21.21
N PRO E 25 10.56 38.64 22.44
CA PRO E 25 11.33 39.28 23.54
C PRO E 25 12.83 39.24 23.30
N LEU E 26 13.23 39.84 22.14
CA LEU E 26 14.61 39.68 21.62
C LEU E 26 15.55 40.83 21.97
N THR E 27 16.71 40.49 22.63
CA THR E 27 17.69 41.55 22.93
C THR E 27 19.07 41.30 22.29
N LYS E 28 19.62 40.11 22.56
CA LYS E 28 20.83 39.72 21.85
C LYS E 28 20.52 39.24 20.45
N PRO E 29 21.54 39.32 19.58
CA PRO E 29 21.36 38.85 18.20
C PRO E 29 21.44 37.33 18.13
N LEU E 30 20.68 36.77 17.17
CA LEU E 30 20.67 35.30 17.03
C LEU E 30 21.92 34.73 16.37
N LYS E 31 22.56 33.76 17.07
CA LYS E 31 23.68 33.04 16.44
C LYS E 31 23.27 31.64 16.05
N ALA E 32 22.05 31.31 16.45
CA ALA E 32 21.49 30.01 16.10
C ALA E 32 20.01 29.99 16.38
N PHE E 33 19.30 29.03 15.76
CA PHE E 33 17.87 28.92 16.08
C PHE E 33 17.17 27.72 15.55
N THR E 34 16.11 27.34 16.28
CA THR E 34 15.14 26.44 15.72
C THR E 34 13.77 27.08 15.68
N VAL E 35 13.01 26.78 14.61
CA VAL E 35 11.62 27.12 14.65
C VAL E 35 10.72 26.04 14.07
N CYS E 36 9.58 25.82 14.76
CA CYS E 36 8.69 24.75 14.34
C CYS E 36 7.26 25.21 14.17
N LEU E 37 6.52 24.55 13.24
CA LEU E 37 5.11 24.92 13.10
C LEU E 37 4.25 23.94 12.32
N HIS E 38 2.91 24.20 12.42
CA HIS E 38 1.91 23.38 11.71
C HIS E 38 1.14 24.23 10.69
N PHE E 39 0.93 23.68 9.47
CA PHE E 39 -0.02 24.37 8.58
C PHE E 39 -0.81 23.45 7.67
N TYR E 40 -1.84 24.04 7.01
CA TYR E 40 -2.77 23.24 6.18
C TYR E 40 -3.47 24.08 5.11
N THR E 41 -3.13 23.80 3.84
CA THR E 41 -3.69 24.56 2.73
C THR E 41 -3.81 23.76 1.46
N GLU E 42 -4.77 24.17 0.61
CA GLU E 42 -4.92 23.52 -0.70
C GLU E 42 -4.26 24.30 -1.81
N LEU E 43 -3.35 25.22 -1.43
CA LEU E 43 -2.72 26.08 -2.43
C LEU E 43 -1.65 25.38 -3.24
N SER E 44 -1.00 24.42 -2.57
CA SER E 44 0.37 23.97 -3.00
C SER E 44 0.52 23.55 -4.46
N SER E 45 -0.60 23.25 -5.12
CA SER E 45 -0.49 22.84 -6.53
C SER E 45 -1.09 23.83 -7.50
N THR E 46 -1.28 25.08 -7.02
CA THR E 46 -1.72 26.14 -7.91
C THR E 46 -0.76 27.30 -7.92
N ARG E 47 -0.23 27.61 -6.73
CA ARG E 47 0.80 28.65 -6.61
C ARG E 47 1.62 28.51 -5.34
N GLY E 48 2.53 29.47 -5.15
CA GLY E 48 3.37 29.42 -3.97
C GLY E 48 2.78 30.19 -2.82
N TYR E 49 3.46 30.13 -1.67
CA TYR E 49 3.10 30.99 -0.56
C TYR E 49 4.15 31.06 0.51
N SER E 50 3.94 32.00 1.46
CA SER E 50 4.90 32.16 2.56
C SER E 50 4.42 31.51 3.82
N ILE E 51 5.34 30.82 4.49
CA ILE E 51 4.95 30.11 5.71
C ILE E 51 5.40 30.82 6.99
N PHE E 52 6.60 31.46 6.91
CA PHE E 52 7.16 32.19 8.07
C PHE E 52 8.14 33.27 7.67
N SER E 53 7.72 34.56 7.81
CA SER E 53 8.60 35.62 7.34
C SER E 53 9.23 36.38 8.48
N TYR E 54 10.58 36.45 8.47
CA TYR E 54 11.27 37.16 9.55
C TYR E 54 12.04 38.38 9.06
N ALA E 55 11.68 39.66 9.32
CA ALA E 55 12.36 40.70 8.57
C ALA E 55 13.04 41.71 9.46
N THR E 56 14.18 42.21 8.94
CA THR E 56 14.96 43.22 9.63
C THR E 56 14.87 44.54 8.90
N LYS E 57 15.34 45.64 9.54
CA LYS E 57 15.34 46.89 8.78
C LYS E 57 16.21 46.79 7.53
N ARG E 58 17.42 46.21 7.69
CA ARG E 58 18.37 46.13 6.58
C ARG E 58 18.04 45.05 5.53
N GLN E 59 17.28 44.01 5.96
CA GLN E 59 17.14 42.76 5.17
C GLN E 59 15.71 42.20 5.28
N ASP E 60 14.92 42.31 4.18
CA ASP E 60 13.52 41.91 4.29
C ASP E 60 13.29 40.39 4.32
N ASN E 61 14.31 39.62 3.89
CA ASN E 61 14.22 38.17 4.06
C ASN E 61 15.32 37.61 4.96
N GLU E 62 15.32 38.09 6.24
CA GLU E 62 16.37 37.66 7.20
C GLU E 62 16.30 36.18 7.53
N ILE E 63 15.07 35.71 7.87
CA ILE E 63 14.76 34.30 7.71
C ILE E 63 13.37 34.10 7.16
N LEU E 64 13.27 33.23 6.14
CA LEU E 64 11.98 33.00 5.49
C LEU E 64 11.80 31.56 5.01
N ILE E 65 10.58 31.02 5.26
CA ILE E 65 10.25 29.65 4.82
C ILE E 65 9.09 29.62 3.82
N PHE E 66 9.40 29.16 2.60
CA PHE E 66 8.51 29.41 1.47
C PHE E 66 8.25 28.17 0.62
N TRP E 67 6.96 27.96 0.24
CA TRP E 67 6.67 26.88 -0.69
C TRP E 67 6.59 27.37 -2.13
N SER E 68 7.48 26.82 -2.96
CA SER E 68 7.45 27.17 -4.38
C SER E 68 6.85 26.08 -5.22
N LYS E 69 5.75 26.42 -5.91
CA LYS E 69 5.13 25.45 -6.80
C LYS E 69 6.13 24.72 -7.68
N ASP E 70 5.87 23.41 -7.86
CA ASP E 70 6.68 22.62 -8.78
C ASP E 70 8.11 22.33 -8.29
N ILE E 71 8.51 22.93 -7.16
CA ILE E 71 9.88 22.65 -6.65
C ILE E 71 9.90 22.02 -5.27
N GLY E 72 9.28 22.73 -4.30
CA GLY E 72 9.33 22.25 -2.93
C GLY E 72 9.58 23.36 -1.96
N TYR E 73 10.08 23.01 -0.78
CA TYR E 73 10.37 24.05 0.20
C TYR E 73 11.57 24.87 -0.17
N SER E 74 11.43 26.19 0.02
CA SER E 74 12.61 27.04 -0.01
C SER E 74 12.89 27.64 1.35
N PHE E 75 14.16 27.51 1.79
CA PHE E 75 14.58 28.09 3.06
C PHE E 75 15.75 29.04 2.89
N THR E 76 15.56 30.28 3.37
CA THR E 76 16.65 31.23 3.27
C THR E 76 16.86 32.03 4.52
N VAL E 77 18.15 32.24 4.84
CA VAL E 77 18.49 33.18 5.89
C VAL E 77 19.54 34.20 5.44
N GLY E 78 19.30 35.48 5.77
CA GLY E 78 20.25 36.53 5.40
C GLY E 78 20.25 36.82 3.91
N GLY E 79 19.12 36.50 3.26
CA GLY E 79 19.02 36.76 1.82
C GLY E 79 19.37 35.54 0.98
N SER E 80 20.21 34.67 1.54
CA SER E 80 20.67 33.51 0.77
C SER E 80 19.68 32.38 0.82
N GLU E 81 19.38 31.83 -0.36
CA GLU E 81 18.33 30.82 -0.43
C GLU E 81 18.84 29.42 -0.59
N ILE E 82 18.12 28.48 0.06
CA ILE E 82 18.44 27.07 -0.11
C ILE E 82 17.21 26.25 -0.40
N LEU E 83 17.35 25.15 -1.19
CA LEU E 83 16.16 24.42 -1.64
C LEU E 83 16.07 22.99 -1.13
N PHE E 84 14.89 22.65 -0.56
CA PHE E 84 14.59 21.23 -0.33
C PHE E 84 13.49 20.72 -1.23
N GLU E 85 13.89 20.06 -2.33
CA GLU E 85 12.87 19.66 -3.29
C GLU E 85 11.86 18.68 -2.76
N VAL E 86 10.59 18.93 -3.11
CA VAL E 86 9.53 17.99 -2.76
C VAL E 86 8.73 17.55 -3.97
N PRO E 87 8.89 16.25 -4.31
CA PRO E 87 8.45 15.73 -5.61
C PRO E 87 6.95 15.68 -5.71
N GLU E 88 6.39 14.86 -4.82
CA GLU E 88 4.98 14.57 -4.81
C GLU E 88 4.26 15.37 -3.75
N VAL E 89 3.18 16.09 -4.15
CA VAL E 89 2.50 16.92 -3.17
C VAL E 89 1.17 16.36 -2.73
N THR E 90 0.90 16.47 -1.41
CA THR E 90 -0.35 15.97 -0.90
C THR E 90 -1.03 16.92 0.05
N VAL E 91 -2.36 16.99 -0.08
CA VAL E 91 -3.11 17.91 0.75
C VAL E 91 -3.46 17.35 2.10
N ALA E 92 -2.87 17.96 3.12
CA ALA E 92 -3.04 17.50 4.49
C ALA E 92 -2.20 18.35 5.39
N PRO E 93 -2.52 18.37 6.68
CA PRO E 93 -1.69 19.13 7.56
C PRO E 93 -0.27 18.61 7.53
N VAL E 94 0.68 19.57 7.56
CA VAL E 94 2.06 19.15 7.70
C VAL E 94 2.83 19.93 8.74
N HIS E 95 3.87 19.28 9.27
CA HIS E 95 4.59 19.83 10.40
C HIS E 95 6.07 19.97 10.11
N ILE E 96 6.57 21.21 10.22
CA ILE E 96 7.98 21.42 9.91
C ILE E 96 8.77 22.02 11.07
N CYS E 97 9.96 21.43 11.29
CA CYS E 97 10.98 22.08 12.11
C CYS E 97 12.22 22.41 11.30
N THR E 98 12.80 23.58 11.57
CA THR E 98 13.97 24.00 10.83
C THR E 98 15.00 24.71 11.69
N SER E 99 16.29 24.47 11.40
CA SER E 99 17.31 25.10 12.25
C SER E 99 18.58 25.47 11.54
N TRP E 100 19.32 26.42 12.18
CA TRP E 100 20.53 26.97 11.61
C TRP E 100 21.58 27.27 12.69
N GLU E 101 22.87 27.10 12.33
CA GLU E 101 23.92 27.39 13.31
C GLU E 101 25.10 28.12 12.72
N SER E 102 25.26 29.37 13.16
CA SER E 102 26.34 30.19 12.60
C SER E 102 27.66 29.48 12.49
N ALA E 103 28.06 28.80 13.57
CA ALA E 103 29.45 28.30 13.70
C ALA E 103 29.85 27.32 12.60
N SER E 104 28.86 26.52 12.14
CA SER E 104 29.19 25.51 11.12
C SER E 104 28.43 25.69 9.82
N GLY E 105 27.37 26.52 9.87
CA GLY E 105 26.61 26.80 8.64
C GLY E 105 25.59 25.75 8.31
N ILE E 106 25.49 24.72 9.19
CA ILE E 106 24.57 23.62 8.92
C ILE E 106 23.12 23.98 9.18
N VAL E 107 22.28 23.80 8.15
CA VAL E 107 20.86 23.81 8.41
C VAL E 107 20.25 22.43 8.41
N GLU E 108 19.26 22.23 9.27
CA GLU E 108 18.46 21.02 9.23
C GLU E 108 17.02 21.30 8.86
N PHE E 109 16.38 20.31 8.21
CA PHE E 109 14.97 20.50 7.81
C PHE E 109 14.13 19.24 8.01
N TRP E 110 13.27 19.28 9.04
CA TRP E 110 12.45 18.13 9.34
C TRP E 110 11.02 18.26 8.85
N VAL E 111 10.58 17.29 8.04
CA VAL E 111 9.19 17.30 7.63
C VAL E 111 8.42 16.10 8.16
N ASP E 112 7.29 16.41 8.86
CA ASP E 112 6.46 15.37 9.47
C ASP E 112 7.24 14.35 10.27
N GLY E 113 8.35 14.82 10.91
CA GLY E 113 9.05 13.95 11.84
C GLY E 113 10.31 13.33 11.28
N LYS E 114 10.34 13.18 9.96
CA LYS E 114 11.52 12.57 9.33
C LYS E 114 12.48 13.58 8.75
N PRO E 115 13.80 13.33 8.99
CA PRO E 115 14.78 14.37 8.73
C PRO E 115 15.26 14.38 7.29
N ARG E 116 15.64 15.57 6.82
CA ARG E 116 16.29 15.65 5.52
C ARG E 116 17.78 15.87 5.66
N VAL E 117 18.49 15.76 4.52
CA VAL E 117 19.93 15.90 4.57
C VAL E 117 20.39 17.26 5.08
N ARG E 118 21.54 17.27 5.77
CA ARG E 118 22.09 18.53 6.21
C ARG E 118 22.78 19.26 5.10
N LYS E 119 22.51 20.57 5.01
CA LYS E 119 23.22 21.38 4.04
C LYS E 119 23.98 22.49 4.71
N SER E 120 24.60 23.37 3.87
CA SER E 120 25.32 24.51 4.43
C SER E 120 24.80 25.84 3.92
N LEU E 121 24.76 26.83 4.85
CA LEU E 121 24.14 28.13 4.50
C LEU E 121 24.58 29.28 5.43
N LYS E 122 25.20 30.30 4.81
CA LYS E 122 25.66 31.49 5.57
C LYS E 122 26.43 31.19 6.85
N LYS E 123 27.54 30.42 6.69
CA LYS E 123 28.43 30.21 7.84
C LYS E 123 29.04 31.50 8.34
N GLY E 124 28.98 31.71 9.68
CA GLY E 124 29.66 32.89 10.28
C GLY E 124 28.72 34.07 10.50
N TYR E 125 27.65 34.12 9.70
CA TYR E 125 26.65 35.20 9.81
C TYR E 125 25.97 35.23 11.17
N THR E 126 25.47 36.44 11.55
CA THR E 126 24.56 36.50 12.70
C THR E 126 23.29 37.26 12.39
N VAL E 127 22.17 36.69 12.83
CA VAL E 127 20.88 37.30 12.54
C VAL E 127 20.50 38.40 13.54
N GLY E 128 19.63 39.34 13.06
CA GLY E 128 19.38 40.59 13.83
C GLY E 128 18.19 40.50 14.78
N ALA E 129 18.26 41.33 15.84
CA ALA E 129 17.37 41.18 17.02
C ALA E 129 16.06 41.91 16.83
N GLU E 130 16.16 43.13 16.29
CA GLU E 130 14.94 43.90 16.02
C GLU E 130 14.22 43.47 14.77
N ALA E 131 13.31 42.49 14.92
CA ALA E 131 12.63 41.95 13.73
C ALA E 131 11.14 42.20 13.74
N SER E 132 10.65 42.03 12.51
CA SER E 132 9.21 41.93 12.27
C SER E 132 8.82 40.56 11.83
N ILE E 133 8.09 39.86 12.71
CA ILE E 133 7.70 38.49 12.42
C ILE E 133 6.25 38.41 12.00
N ILE E 134 6.02 37.86 10.78
CA ILE E 134 4.66 37.89 10.28
C ILE E 134 4.16 36.58 9.68
N LEU E 135 2.86 36.33 9.98
CA LEU E 135 2.16 35.14 9.52
C LEU E 135 1.05 35.47 8.52
N GLY E 136 1.01 34.73 7.38
CA GLY E 136 -0.11 34.91 6.44
C GLY E 136 0.21 35.78 5.23
N GLN E 137 1.27 36.63 5.39
CA GLN E 137 1.77 37.45 4.29
C GLN E 137 3.28 37.42 4.18
N GLU E 138 3.77 37.83 2.99
CA GLU E 138 5.23 37.87 2.78
C GLU E 138 5.79 39.26 2.80
N GLN E 139 6.68 39.53 3.78
CA GLN E 139 7.24 40.87 3.91
C GLN E 139 8.24 41.19 2.81
N ASP E 140 8.05 42.38 2.22
CA ASP E 140 9.08 42.93 1.36
C ASP E 140 9.68 44.16 1.96
N SER E 141 9.06 44.58 3.07
CA SER E 141 9.61 45.68 3.87
C SER E 141 9.30 45.48 5.32
N PHE E 142 10.17 46.06 6.19
CA PHE E 142 9.90 45.97 7.62
C PHE E 142 8.45 46.22 7.95
N GLY E 143 7.67 45.13 8.08
CA GLY E 143 6.30 45.27 8.54
C GLY E 143 5.27 45.38 7.43
N GLY E 144 5.70 45.29 6.15
CA GLY E 144 4.70 45.44 5.09
C GLY E 144 5.21 45.26 3.67
N ASN E 145 4.46 45.87 2.72
CA ASN E 145 4.61 45.52 1.32
C ASN E 145 4.29 44.07 1.05
N PHE E 146 3.01 43.70 1.30
CA PHE E 146 2.57 42.33 1.05
C PHE E 146 2.12 42.11 -0.37
N GLU E 147 2.68 41.06 -1.01
CA GLU E 147 2.35 40.32 -2.23
C GLU E 147 1.05 39.60 -2.16
N GLY E 148 -0.14 39.94 -2.69
CA GLY E 148 -1.29 39.06 -2.54
C GLY E 148 -1.05 37.67 -3.12
N SER E 149 -0.03 37.56 -3.97
CA SER E 149 0.24 36.28 -4.63
C SER E 149 1.27 35.44 -3.89
N GLN E 150 1.65 35.92 -2.69
CA GLN E 150 2.46 35.10 -1.80
C GLN E 150 1.75 34.87 -0.45
N SER E 151 0.40 35.00 -0.49
CA SER E 151 -0.39 34.91 0.76
C SER E 151 -0.80 33.51 1.10
N LEU E 152 -0.90 33.23 2.43
CA LEU E 152 -1.37 31.91 2.84
C LEU E 152 -2.86 31.85 3.05
N VAL E 153 -3.51 30.95 2.30
CA VAL E 153 -4.90 30.65 2.55
C VAL E 153 -5.08 29.29 3.22
N GLY E 154 -5.57 29.32 4.51
CA GLY E 154 -5.71 28.08 5.31
C GLY E 154 -5.60 28.36 6.80
N ASP E 155 -5.24 27.30 7.60
CA ASP E 155 -4.83 27.56 9.01
C ASP E 155 -3.35 27.47 9.23
N ILE E 156 -2.95 27.96 10.41
CA ILE E 156 -1.59 27.80 10.88
C ILE E 156 -1.53 27.89 12.40
N GLY E 157 -0.63 27.07 13.01
CA GLY E 157 -0.59 27.03 14.47
C GLY E 157 0.66 26.42 15.04
N ASN E 158 0.68 26.29 16.38
CA ASN E 158 1.83 25.68 17.05
C ASN E 158 3.18 26.23 16.62
N VAL E 159 3.24 27.54 16.33
CA VAL E 159 4.56 28.07 16.05
C VAL E 159 5.34 28.41 17.31
N ASN E 160 6.50 27.72 17.47
CA ASN E 160 7.42 27.99 18.59
C ASN E 160 8.84 28.24 18.09
N MET E 161 9.64 28.98 18.89
CA MET E 161 10.99 29.29 18.42
C MET E 161 12.04 29.30 19.55
N TRP E 162 13.10 28.47 19.37
CA TRP E 162 14.21 28.49 20.34
C TRP E 162 15.41 29.31 19.81
N ASP E 163 16.38 29.62 20.72
CA ASP E 163 17.58 30.31 20.25
C ASP E 163 18.82 29.42 20.19
N PHE E 164 18.61 28.11 20.42
CA PHE E 164 19.67 27.12 20.12
C PHE E 164 19.20 26.04 19.18
N VAL E 165 20.01 24.97 19.02
CA VAL E 165 19.63 23.94 18.06
C VAL E 165 19.10 22.67 18.70
N LEU E 166 17.83 22.34 18.35
CA LEU E 166 17.18 21.17 18.94
C LEU E 166 17.76 19.86 18.47
N SER E 167 18.04 18.98 19.44
CA SER E 167 18.48 17.63 19.09
C SER E 167 17.33 16.77 18.59
N PRO E 168 17.67 15.66 17.89
CA PRO E 168 16.63 14.88 17.23
C PRO E 168 15.64 14.27 18.19
N ASP E 169 16.13 13.92 19.40
CA ASP E 169 15.19 13.49 20.43
C ASP E 169 14.16 14.55 20.70
N GLU E 170 14.65 15.76 20.95
CA GLU E 170 13.76 16.86 21.21
C GLU E 170 12.75 17.11 20.10
N ILE E 171 13.22 17.02 18.83
CA ILE E 171 12.30 17.28 17.70
C ILE E 171 11.23 16.18 17.52
N ASN E 172 11.55 14.95 17.99
CA ASN E 172 10.54 13.91 17.93
C ASN E 172 9.49 14.08 18.99
N THR E 173 9.93 14.51 20.19
CA THR E 173 8.98 14.76 21.25
C THR E 173 7.99 15.84 20.88
N ILE E 174 8.50 16.94 20.29
CA ILE E 174 7.58 17.95 19.78
C ILE E 174 6.61 17.37 18.75
N TYR E 175 7.16 16.58 17.80
CA TYR E 175 6.31 16.00 16.75
C TYR E 175 5.23 15.09 17.30
N LEU E 176 5.61 14.25 18.28
CA LEU E 176 4.61 13.38 18.92
C LEU E 176 3.63 14.14 19.80
N GLY E 177 3.95 15.38 20.12
CA GLY E 177 2.99 16.10 20.95
C GLY E 177 3.46 16.24 22.37
N GLY E 178 4.70 15.77 22.63
CA GLY E 178 5.25 15.88 23.96
C GLY E 178 5.38 17.31 24.42
N PRO E 179 5.84 17.49 25.67
CA PRO E 179 6.02 18.85 26.18
C PRO E 179 7.40 19.38 25.85
N PHE E 180 7.56 20.68 25.88
CA PHE E 180 8.80 21.39 25.53
C PHE E 180 8.72 22.78 26.14
N SER E 181 9.89 23.42 26.31
CA SER E 181 9.80 24.83 26.67
C SER E 181 10.61 25.88 25.87
N PRO E 182 9.93 26.58 24.95
CA PRO E 182 10.62 27.38 23.94
C PRO E 182 11.12 28.68 24.58
N ASN E 183 12.11 29.32 24.01
CA ASN E 183 12.53 30.49 24.75
C ASN E 183 12.64 31.82 23.99
N VAL E 184 12.02 31.89 22.80
CA VAL E 184 12.00 33.07 21.94
C VAL E 184 10.60 33.27 21.38
N LEU E 185 9.87 32.20 21.15
CA LEU E 185 8.46 32.39 20.81
C LEU E 185 7.82 31.18 21.48
N ASN E 186 6.61 31.35 22.08
CA ASN E 186 5.89 30.34 22.83
C ASN E 186 4.37 30.27 22.70
N TRP E 187 3.86 29.32 21.92
CA TRP E 187 2.42 29.24 21.69
C TRP E 187 1.50 29.31 22.93
N ARG E 188 2.05 29.06 24.13
CA ARG E 188 1.26 28.96 25.36
C ARG E 188 1.27 30.23 26.26
N ALA E 189 1.92 31.27 25.73
CA ALA E 189 2.19 32.57 26.33
C ALA E 189 2.64 33.39 25.11
N LEU E 190 1.70 33.70 24.24
CA LEU E 190 1.94 34.27 22.92
C LEU E 190 1.51 35.73 23.02
N LYS E 191 2.32 36.62 22.56
CA LYS E 191 1.94 38.01 22.67
C LYS E 191 1.86 38.52 21.23
N TYR E 192 0.65 38.79 20.76
CA TYR E 192 0.54 38.99 19.32
C TYR E 192 -0.47 40.09 18.93
N GLU E 193 -0.69 40.30 17.59
CA GLU E 193 -1.37 41.51 17.13
C GLU E 193 -1.97 41.22 15.76
N VAL E 194 -3.26 41.27 15.67
CA VAL E 194 -3.91 40.78 14.47
C VAL E 194 -4.37 41.92 13.57
N GLN E 195 -4.57 41.64 12.25
CA GLN E 195 -5.20 42.60 11.34
C GLN E 195 -5.87 42.02 10.10
N GLY E 196 -7.17 42.21 9.93
CA GLY E 196 -7.84 41.81 8.71
C GLY E 196 -8.88 40.70 8.90
N GLU E 197 -9.34 40.09 7.84
CA GLU E 197 -10.24 38.94 7.93
C GLU E 197 -9.40 37.72 8.31
N VAL E 198 -9.09 37.61 9.59
CA VAL E 198 -8.50 36.41 10.19
C VAL E 198 -9.13 36.03 11.55
N PHE E 199 -9.38 34.73 11.79
CA PHE E 199 -10.10 34.21 12.96
C PHE E 199 -9.35 33.21 13.84
N THR E 200 -9.90 32.90 15.01
CA THR E 200 -9.19 31.92 15.83
C THR E 200 -10.11 30.77 16.21
N LYS E 201 -9.81 29.60 15.73
CA LYS E 201 -10.76 28.52 15.77
C LYS E 201 -9.87 27.35 16.24
N PRO E 202 -10.48 26.28 16.72
CA PRO E 202 -9.81 25.06 17.19
C PRO E 202 -9.14 24.33 16.04
N GLN E 203 -7.94 23.80 16.34
CA GLN E 203 -7.11 23.22 15.27
C GLN E 203 -7.69 21.95 14.66
N LEU E 204 -7.37 21.76 13.35
CA LEU E 204 -7.88 20.58 12.62
C LEU E 204 -6.95 19.38 12.67
N TRP E 205 -5.72 19.65 13.06
CA TRP E 205 -4.85 18.52 13.39
C TRP E 205 -4.89 18.20 14.89
N PRO E 206 -4.69 16.96 15.23
CA PRO E 206 -4.64 16.56 16.65
C PRO E 206 -3.29 16.76 17.34
CA CA F . -33.38 22.37 -10.13
CA CA G . -32.93 25.17 -6.84
P1 PC H . -31.12 24.53 -9.20
O1 PC H . -31.52 24.44 -7.69
O3 PC H . -32.10 23.47 -9.68
O4 PC H . -31.71 25.86 -9.63
O2 PC H . -29.66 24.16 -9.75
C1 PC H . -28.43 24.44 -9.01
C2 PC H . -27.05 23.83 -9.48
N1 PC H . -25.72 24.17 -8.80
C3 PC H . -25.92 25.35 -7.95
C4 PC H . -24.39 24.24 -9.53
C5 PC H . -25.39 23.06 -7.89
CA CA I . -26.32 -19.85 -24.32
CA CA J . -29.44 -18.91 -22.06
P1 PC K . -27.65 -17.20 -23.45
O1 PC K . -28.02 -18.08 -22.24
O3 PC K . -26.86 -18.29 -24.24
O4 PC K . -28.92 -17.01 -24.31
O2 PC K . -26.62 -16.04 -23.20
C1 PC K . -27.01 -14.75 -22.67
C2 PC K . -25.81 -13.86 -22.13
N1 PC K . -25.88 -12.42 -21.71
C3 PC K . -27.03 -12.19 -20.86
C4 PC K . -25.85 -11.40 -22.78
C5 PC K . -24.65 -12.00 -21.03
CA CA L . 18.18 -27.93 -22.68
CA CA M . 15.66 -31.16 -21.61
P1 PC N . 15.11 -28.22 -22.87
O1 PC N . 16.27 -27.20 -22.85
O3 PC N . 15.58 -29.09 -24.07
O4 PC N . 15.04 -29.33 -21.82
O2 PC N . 13.76 -27.75 -23.41
C1 PC N . 13.11 -26.56 -22.93
C2 PC N . 12.02 -26.12 -24.01
N1 PC N . 10.82 -25.40 -23.51
C3 PC N . 10.33 -26.04 -22.31
C4 PC N . 9.69 -25.09 -24.40
C5 PC N . 11.06 -24.09 -23.00
CA CA O . 39.67 8.17 -8.13
CA CA P . 41.06 4.80 -6.85
P1 PC Q . 38.72 5.14 -8.95
O1 PC Q . 39.41 5.70 -10.22
O3 PC Q . 39.87 4.85 -8.03
O4 PC Q . 38.31 6.39 -8.07
O2 PC Q . 37.78 3.90 -9.15
C1 PC Q . 36.88 3.84 -10.29
C2 PC Q . 36.25 2.42 -10.75
N1 PC Q . 34.85 2.20 -11.25
C3 PC Q . 34.35 3.27 -12.06
C4 PC Q . 34.07 2.13 -10.03
C5 PC Q . 34.46 1.06 -12.09
CA CA R . 7.50 39.46 -1.89
CA CA S . 10.12 39.28 0.26
P1 PC T . 10.55 38.23 -2.50
O1 PC T . 11.18 38.63 -1.10
O3 PC T . 9.00 38.40 -2.08
O4 PC T . 10.61 39.42 -3.48
O2 PC T . 10.53 36.74 -3.10
C1 PC T . 11.17 35.57 -2.55
C2 PC T . 10.86 34.28 -3.38
N1 PC T . 11.72 33.04 -3.55
C3 PC T . 13.13 33.41 -3.51
C4 PC T . 11.82 32.18 -4.74
C5 PC T . 11.21 31.99 -2.66
#